data_7ZLI
#
_entry.id   7ZLI
#
_cell.length_a   1.00
_cell.length_b   1.00
_cell.length_c   1.00
_cell.angle_alpha   90.00
_cell.angle_beta   90.00
_cell.angle_gamma   90.00
#
_symmetry.space_group_name_H-M   'P 1'
#
loop_
_entity.id
_entity.type
_entity.pdbx_description
1 polymer 'CMT2-Fab heavy chain'
2 polymer 'Anti-Fab nanobody'
3 polymer 'CMT2-Fab light chain'
4 polymer 'C-mannosyltransferase dpy-19'
5 non-polymer 'Dolichol monophosphate beta-D-Mannose'
6 water water
#
loop_
_entity_poly.entity_id
_entity_poly.type
_entity_poly.pdbx_seq_one_letter_code
_entity_poly.pdbx_strand_id
1 'polypeptide(L)'
;EISEVQLVESGGGLVQPGGSLRLSCAASGFNISSSSIHWVRQAPGKGLEWVASISSSYGYTSYADSVKGRFTISADTSKN
TAYLQMNSLRAEDTAVYYCARSSSVYWSWWGYSAFDYWGQGTLVTVSSASTKGPSVFPLAPSSKSTSGGTAALGCLVKDY
FPEPVTVSWNSGALTSGVHTFPAVLQSSGLYSLSSVVTVPSSSLGTQTYICNVNHKPSNTKVDKKVEPKSCDKTHT
;
H
2 'polypeptide(L)'
;GSQVQLQESGGGLVQPGGSLRLSCAASGRTISRYAMSWFRQAPGKEREFVAVARRSGDGAFYADSVQGRFTVSRDDAKNT
VYLQMNSLKPEDTAVYYCAIDSDTFYSGSYDYWGQGTQVTVSS
;
K
3 'polypeptide(L)'
;SDIQMTQSPSSLSASVGDRVTITCRASQSVSSAVAWYQQKPGKAPKLLIYSASSLYSGVPSRFSGSRSGTDFTLTISSLQ
PEDFATYYCQQGASEPITFGQGTKVEIKRTVAAPSVFIFPPSDSQLKSGTASVVCLLNNFYPREAKVQWKVDNALQSGNS
QESVTEQDSKDSTYSLSSTLTLSKADYEKHKVYACEVTHQGLSSPVTKSFNRGEC
;
L
4 'polypeptide(L)'
;MAKKPKNSPEKSKYSSDTSSSLYSQTWLASVVIIGLLVGYINYQHVYTLFENDKHFSHLADFEREMAYRTEMGLYYSYYK
TIINAPSFLEGVQEITHDTVTEHGHEINTLNRFNLYPEVILAFLYRPFRAFAKSANWQIELCWQVNRGELRPVESCEGIG
NPHYFYITGVFIVAGTVASSIFYLGVLVSDSIFGGFLSVLCFAFNHGEATRVQWTPPLRESFAFPFIIGHIAILTFVIKY
KKSGHSMILLLTSMAVPALLFWQFTQFAFFTQICSIFLAFSLDLIPFSTAKTVIHSHIISFLIGFLLLFGNEMMITALYF
PSILALGMIIYISPLLSNLKFRPAYVLFLAIIFASITLGLKIGLSKGLGIEDDAHIFDILRSKFTSFANFHTRLYTCSAE
FDFIQYSTIEKLCGTLLIPLALISLVTFVFNFVKNTNLLWRNSEEIGENGEILYNVVQLCCSTVMAFLIMRLKLFMTPHL
CIVAALFANSKLLGGDRISKTIRVSALVGVIAILFYRGIPNIRQQLNVKGEYSNPDQEMLFDWIQHNTKQDAVFAGTMPV
MANVKLTTLRPIVNHPHYEHVGIRERTLKVYSMFSKKPIAEVHKIMKEMGVNYFVFQLMNCSNDERRPECVYRGMWDEED
PKNSGRTALCDLWILAANSKDNSRIAPFKIVYNANRNYIVLKILEDYKDHDGDYKDHDIDYKDDDDK
;
A
#
# COMPACT_ATOMS: atom_id res chain seq x y z
N GLU A 4 0.74 -43.03 5.77
CA GLU A 4 1.28 -41.96 4.95
C GLU A 4 0.31 -40.78 4.91
N VAL A 5 0.81 -39.62 4.51
CA VAL A 5 -0.03 -38.42 4.46
C VAL A 5 -1.01 -38.53 3.30
N GLN A 6 -2.27 -38.15 3.56
CA GLN A 6 -3.29 -38.18 2.53
C GLN A 6 -4.49 -37.35 2.99
N LEU A 7 -5.23 -36.86 2.01
CA LEU A 7 -6.44 -36.07 2.25
C LEU A 7 -7.63 -36.85 1.69
N VAL A 8 -8.71 -36.91 2.46
CA VAL A 8 -9.90 -37.65 2.05
C VAL A 8 -11.12 -36.75 2.20
N GLU A 9 -11.85 -36.56 1.11
CA GLU A 9 -13.05 -35.73 1.09
C GLU A 9 -14.30 -36.59 1.19
N SER A 10 -15.31 -36.04 1.85
CA SER A 10 -16.58 -36.74 2.01
C SER A 10 -17.68 -35.70 2.22
N GLY A 11 -18.91 -36.13 2.10
CA GLY A 11 -20.04 -35.27 2.36
C GLY A 11 -20.66 -34.60 1.16
N GLY A 12 -20.30 -35.00 -0.05
CA GLY A 12 -20.92 -34.45 -1.23
C GLY A 12 -22.23 -35.13 -1.54
N GLY A 13 -22.79 -34.78 -2.70
CA GLY A 13 -24.02 -35.40 -3.14
C GLY A 13 -24.90 -34.49 -3.96
N LEU A 14 -26.19 -34.46 -3.63
CA LEU A 14 -27.16 -33.65 -4.35
C LEU A 14 -27.88 -32.74 -3.36
N VAL A 15 -28.08 -31.50 -3.77
CA VAL A 15 -28.75 -30.50 -2.94
C VAL A 15 -29.70 -29.69 -3.81
N GLN A 16 -30.89 -29.42 -3.28
CA GLN A 16 -31.81 -28.55 -3.98
C GLN A 16 -31.25 -27.12 -4.00
N PRO A 17 -31.51 -26.36 -5.06
CA PRO A 17 -30.96 -25.01 -5.13
C PRO A 17 -31.41 -24.17 -3.94
N GLY A 18 -30.51 -23.34 -3.44
CA GLY A 18 -30.78 -22.53 -2.27
C GLY A 18 -30.61 -23.24 -0.95
N GLY A 19 -30.26 -24.53 -0.96
CA GLY A 19 -30.08 -25.28 0.26
C GLY A 19 -28.71 -25.09 0.86
N SER A 20 -28.35 -25.98 1.77
CA SER A 20 -27.08 -25.93 2.47
C SER A 20 -26.42 -27.30 2.48
N LEU A 21 -25.09 -27.31 2.48
CA LEU A 21 -24.34 -28.56 2.47
C LEU A 21 -23.02 -28.37 3.20
N ARG A 22 -22.65 -29.37 4.01
CA ARG A 22 -21.43 -29.33 4.79
C ARG A 22 -20.57 -30.52 4.37
N LEU A 23 -19.36 -30.25 3.89
CA LEU A 23 -18.49 -31.29 3.37
C LEU A 23 -17.16 -31.29 4.11
N SER A 24 -16.64 -32.50 4.35
CA SER A 24 -15.54 -32.75 5.27
C SER A 24 -14.29 -33.16 4.52
N CYS A 25 -13.14 -32.76 5.08
CA CYS A 25 -11.81 -33.14 4.59
C CYS A 25 -11.03 -33.67 5.78
N ALA A 26 -10.70 -34.96 5.75
CA ALA A 26 -9.98 -35.60 6.83
C ALA A 26 -8.55 -35.88 6.39
N ALA A 27 -7.59 -35.48 7.21
CA ALA A 27 -6.17 -35.64 6.89
C ALA A 27 -5.60 -36.77 7.72
N SER A 28 -4.96 -37.73 7.05
CA SER A 28 -4.30 -38.85 7.71
C SER A 28 -2.79 -38.69 7.55
N GLY A 29 -2.08 -38.79 8.66
CA GLY A 29 -0.64 -38.57 8.63
C GLY A 29 -0.27 -37.24 9.25
N PHE A 30 0.10 -36.27 8.42
CA PHE A 30 0.53 -34.98 8.94
C PHE A 30 -0.56 -34.38 9.82
N ASN A 31 -0.13 -33.74 10.91
CA ASN A 31 -1.06 -33.12 11.83
C ASN A 31 -1.50 -31.76 11.30
N ILE A 32 -2.81 -31.54 11.22
CA ILE A 32 -3.32 -30.26 10.77
C ILE A 32 -2.98 -29.23 11.84
N SER A 33 -3.17 -27.95 11.53
CA SER A 33 -2.75 -26.81 12.34
C SER A 33 -1.26 -26.57 12.20
N SER A 34 -0.52 -27.46 11.55
CA SER A 34 0.86 -27.21 11.15
C SER A 34 0.96 -26.70 9.72
N SER A 35 -0.18 -26.54 9.05
CA SER A 35 -0.22 -26.17 7.64
C SER A 35 -1.58 -25.57 7.34
N SER A 36 -1.69 -24.99 6.16
CA SER A 36 -2.96 -24.48 5.66
C SER A 36 -3.61 -25.51 4.75
N ILE A 37 -4.94 -25.50 4.70
CA ILE A 37 -5.63 -26.35 3.74
C ILE A 37 -6.65 -25.52 2.98
N HIS A 38 -6.75 -25.79 1.68
CA HIS A 38 -7.52 -25.03 0.72
C HIS A 38 -8.53 -25.92 0.03
N TRP A 39 -9.58 -25.30 -0.49
CA TRP A 39 -10.60 -25.97 -1.30
C TRP A 39 -10.57 -25.42 -2.70
N VAL A 40 -10.66 -26.31 -3.69
CA VAL A 40 -10.57 -25.93 -5.10
C VAL A 40 -11.71 -26.57 -5.87
N ARG A 41 -12.28 -25.84 -6.82
CA ARG A 41 -13.45 -26.27 -7.57
C ARG A 41 -13.10 -26.60 -9.01
N GLN A 42 -13.61 -27.72 -9.50
CA GLN A 42 -13.56 -28.08 -10.91
C GLN A 42 -15.01 -28.16 -11.38
N ALA A 43 -15.46 -27.16 -12.08
CA ALA A 43 -16.79 -27.22 -12.65
C ALA A 43 -16.79 -28.14 -13.86
N PRO A 44 -17.92 -28.77 -14.18
CA PRO A 44 -17.93 -29.71 -15.30
C PRO A 44 -17.46 -29.07 -16.59
N GLY A 45 -16.32 -29.54 -17.10
CA GLY A 45 -15.76 -29.04 -18.34
C GLY A 45 -14.95 -27.76 -18.23
N LYS A 46 -14.82 -27.19 -17.04
CA LYS A 46 -14.10 -25.94 -16.85
C LYS A 46 -12.72 -26.21 -16.27
N GLY A 47 -12.02 -25.14 -15.90
CA GLY A 47 -10.73 -25.23 -15.24
C GLY A 47 -10.87 -25.27 -13.73
N LEU A 48 -9.75 -25.07 -13.06
CA LEU A 48 -9.70 -25.09 -11.61
C LEU A 48 -9.96 -23.71 -11.04
N GLU A 49 -10.71 -23.65 -9.95
CA GLU A 49 -11.04 -22.40 -9.29
C GLU A 49 -10.84 -22.54 -7.80
N TRP A 50 -10.29 -21.51 -7.17
CA TRP A 50 -9.99 -21.53 -5.75
C TRP A 50 -11.17 -20.98 -4.95
N VAL A 51 -11.49 -21.66 -3.85
CA VAL A 51 -12.71 -21.38 -3.08
C VAL A 51 -12.37 -20.75 -1.72
N ALA A 52 -11.66 -21.47 -0.86
CA ALA A 52 -11.46 -21.02 0.50
C ALA A 52 -10.18 -21.61 1.07
N SER A 53 -9.69 -21.00 2.14
CA SER A 53 -8.42 -21.37 2.78
C SER A 53 -8.54 -21.24 4.28
N ILE A 54 -7.94 -22.17 5.04
CA ILE A 54 -7.93 -22.08 6.49
C ILE A 54 -6.58 -22.50 7.05
N SER A 55 -6.06 -21.71 7.99
CA SER A 55 -4.88 -22.02 8.80
C SER A 55 -5.35 -22.16 10.24
N SER A 56 -5.29 -23.38 10.77
CA SER A 56 -5.95 -23.70 12.03
C SER A 56 -5.16 -23.31 13.26
N SER A 57 -3.86 -23.01 13.13
CA SER A 57 -3.07 -22.70 14.30
C SER A 57 -3.65 -21.52 15.05
N TYR A 58 -3.87 -20.39 14.36
CA TYR A 58 -4.48 -19.22 14.96
C TYR A 58 -5.81 -18.86 14.28
N GLY A 59 -6.40 -19.82 13.56
CA GLY A 59 -7.75 -19.69 13.04
C GLY A 59 -7.97 -18.64 11.98
N TYR A 60 -7.06 -18.54 11.00
CA TYR A 60 -7.18 -17.55 9.95
C TYR A 60 -7.88 -18.17 8.74
N THR A 61 -8.89 -17.48 8.23
CA THR A 61 -9.66 -17.98 7.09
C THR A 61 -9.67 -16.93 5.98
N SER A 62 -9.64 -17.41 4.74
CA SER A 62 -9.71 -16.55 3.57
C SER A 62 -10.69 -17.15 2.57
N TYR A 63 -11.36 -16.27 1.82
CA TYR A 63 -12.45 -16.67 0.93
C TYR A 63 -12.29 -16.06 -0.45
N ALA A 64 -12.85 -16.74 -1.44
CA ALA A 64 -12.91 -16.22 -2.79
C ALA A 64 -14.08 -15.25 -2.90
N ASP A 65 -13.84 -14.13 -3.58
CA ASP A 65 -14.84 -13.06 -3.58
C ASP A 65 -16.18 -13.55 -4.09
N SER A 66 -16.19 -14.58 -4.93
CA SER A 66 -17.44 -15.15 -5.41
C SER A 66 -18.24 -15.81 -4.29
N VAL A 67 -17.58 -16.54 -3.41
CA VAL A 67 -18.26 -17.31 -2.37
C VAL A 67 -18.22 -16.59 -1.03
N LYS A 68 -17.76 -15.36 -0.98
CA LYS A 68 -17.67 -14.63 0.28
C LYS A 68 -19.07 -14.34 0.80
N GLY A 69 -19.32 -14.66 2.05
CA GLY A 69 -20.62 -14.48 2.65
C GLY A 69 -21.57 -15.65 2.48
N ARG A 70 -21.20 -16.66 1.72
CA ARG A 70 -22.00 -17.86 1.58
C ARG A 70 -21.34 -19.11 2.14
N PHE A 71 -20.01 -19.16 2.14
CA PHE A 71 -19.26 -20.32 2.59
C PHE A 71 -18.55 -19.99 3.90
N THR A 72 -18.38 -21.03 4.73
CA THR A 72 -17.68 -20.90 6.00
C THR A 72 -16.76 -22.10 6.14
N ILE A 73 -15.46 -21.84 6.30
CA ILE A 73 -14.47 -22.89 6.43
C ILE A 73 -14.00 -22.92 7.87
N SER A 74 -14.10 -24.08 8.51
CA SER A 74 -13.78 -24.21 9.93
C SER A 74 -13.10 -25.55 10.18
N ALA A 75 -11.97 -25.53 10.89
CA ALA A 75 -11.21 -26.75 11.14
C ALA A 75 -11.06 -26.96 12.64
N ASP A 76 -11.28 -28.19 13.10
CA ASP A 76 -11.05 -28.57 14.48
C ASP A 76 -9.90 -29.57 14.54
N THR A 77 -8.90 -29.25 15.35
CA THR A 77 -7.71 -30.09 15.45
C THR A 77 -7.93 -31.33 16.30
N SER A 78 -9.09 -31.46 16.97
CA SER A 78 -9.35 -32.64 17.78
C SER A 78 -9.37 -33.90 16.92
N LYS A 79 -10.16 -33.90 15.86
CA LYS A 79 -10.24 -35.02 14.95
C LYS A 79 -9.36 -34.87 13.72
N ASN A 80 -8.60 -33.78 13.63
CA ASN A 80 -7.72 -33.52 12.50
C ASN A 80 -8.53 -33.46 11.20
N THR A 81 -9.50 -32.55 11.17
CA THR A 81 -10.44 -32.46 10.07
C THR A 81 -10.72 -31.00 9.77
N ALA A 82 -11.19 -30.74 8.56
CA ALA A 82 -11.67 -29.42 8.17
C ALA A 82 -13.03 -29.57 7.52
N TYR A 83 -13.85 -28.54 7.66
CA TYR A 83 -15.22 -28.56 7.18
C TYR A 83 -15.48 -27.30 6.36
N LEU A 84 -16.23 -27.47 5.27
CA LEU A 84 -16.75 -26.35 4.51
C LEU A 84 -18.26 -26.41 4.57
N GLN A 85 -18.88 -25.40 5.16
CA GLN A 85 -20.33 -25.26 5.24
C GLN A 85 -20.73 -24.20 4.23
N MET A 86 -21.44 -24.61 3.19
CA MET A 86 -21.82 -23.72 2.11
C MET A 86 -23.34 -23.65 2.02
N ASN A 87 -23.88 -22.44 2.13
CA ASN A 87 -25.30 -22.17 2.18
C ASN A 87 -25.74 -21.38 0.95
N SER A 88 -27.04 -21.37 0.71
CA SER A 88 -27.62 -20.63 -0.40
C SER A 88 -26.95 -21.03 -1.72
N LEU A 89 -26.77 -22.33 -1.89
CA LEU A 89 -26.14 -22.83 -3.10
C LEU A 89 -26.95 -22.40 -4.33
N ARG A 90 -26.24 -21.86 -5.32
CA ARG A 90 -26.86 -21.47 -6.57
C ARG A 90 -26.84 -22.68 -7.52
N ALA A 91 -27.21 -22.47 -8.77
CA ALA A 91 -27.14 -23.53 -9.77
C ALA A 91 -25.76 -23.66 -10.39
N GLU A 92 -24.89 -22.67 -10.20
CA GLU A 92 -23.55 -22.67 -10.76
C GLU A 92 -22.51 -23.23 -9.80
N ASP A 93 -22.92 -23.70 -8.63
CA ASP A 93 -22.01 -24.29 -7.66
C ASP A 93 -21.87 -25.80 -7.83
N THR A 94 -22.49 -26.38 -8.84
CA THR A 94 -22.35 -27.81 -9.09
C THR A 94 -20.96 -28.09 -9.64
N ALA A 95 -20.18 -28.91 -8.94
CA ALA A 95 -18.80 -29.13 -9.32
C ALA A 95 -18.15 -30.23 -8.49
N VAL A 96 -16.88 -30.51 -8.77
CA VAL A 96 -16.08 -31.41 -7.95
C VAL A 96 -15.19 -30.56 -7.06
N TYR A 97 -15.21 -30.85 -5.76
CA TYR A 97 -14.45 -30.10 -4.78
C TYR A 97 -13.25 -30.91 -4.32
N TYR A 98 -12.07 -30.30 -4.38
CA TYR A 98 -10.82 -30.92 -3.98
C TYR A 98 -10.28 -30.21 -2.74
N CYS A 99 -9.63 -30.97 -1.87
CA CYS A 99 -8.99 -30.47 -0.67
C CYS A 99 -7.49 -30.57 -0.89
N ALA A 100 -6.78 -29.46 -0.80
CA ALA A 100 -5.35 -29.41 -1.04
C ALA A 100 -4.62 -28.87 0.18
N ARG A 101 -3.35 -29.22 0.29
CA ARG A 101 -2.51 -28.88 1.43
C ARG A 101 -1.45 -27.88 1.01
N SER A 102 -1.30 -26.80 1.77
CA SER A 102 -0.25 -25.82 1.50
C SER A 102 0.33 -25.35 2.83
N SER A 103 1.28 -24.42 2.77
CA SER A 103 1.94 -23.96 3.97
C SER A 103 1.03 -23.03 4.76
N SER A 104 1.36 -22.87 6.04
CA SER A 104 0.59 -22.00 6.92
C SER A 104 0.73 -20.55 6.48
N VAL A 105 -0.30 -19.75 6.74
CA VAL A 105 -0.27 -18.35 6.31
C VAL A 105 0.75 -17.57 7.12
N TYR A 106 0.89 -17.88 8.41
CA TYR A 106 1.83 -17.16 9.25
C TYR A 106 3.28 -17.38 8.82
N TRP A 107 3.59 -18.55 8.27
CA TRP A 107 4.91 -18.82 7.70
C TRP A 107 4.91 -18.67 6.19
N SER A 108 3.97 -17.91 5.63
CA SER A 108 3.89 -17.73 4.19
C SER A 108 5.19 -17.12 3.67
N TRP A 109 5.43 -15.83 3.91
CA TRP A 109 6.79 -15.33 3.74
C TRP A 109 7.33 -15.66 2.35
N TRP A 110 7.07 -14.83 1.35
CA TRP A 110 7.40 -15.16 -0.03
C TRP A 110 6.28 -15.96 -0.70
N GLY A 111 5.13 -16.09 -0.06
CA GLY A 111 3.94 -16.62 -0.69
C GLY A 111 3.69 -18.07 -0.31
N TYR A 112 2.46 -18.50 -0.57
CA TYR A 112 2.07 -19.87 -0.26
C TYR A 112 2.90 -20.85 -1.06
N SER A 113 3.09 -22.05 -0.49
CA SER A 113 3.71 -23.13 -1.21
C SER A 113 2.70 -23.83 -2.10
N ALA A 114 3.20 -24.60 -3.05
CA ALA A 114 2.34 -25.29 -4.00
C ALA A 114 1.54 -26.39 -3.31
N PHE A 115 0.36 -26.67 -3.84
CA PHE A 115 -0.49 -27.73 -3.30
C PHE A 115 0.08 -29.08 -3.71
N ASP A 116 0.83 -29.71 -2.82
CA ASP A 116 1.48 -30.95 -3.18
C ASP A 116 0.63 -32.19 -2.93
N TYR A 117 -0.34 -32.12 -2.03
CA TYR A 117 -1.20 -33.27 -1.71
C TYR A 117 -2.65 -32.86 -1.89
N TRP A 118 -3.37 -33.60 -2.73
CA TRP A 118 -4.75 -33.29 -3.06
C TRP A 118 -5.66 -34.43 -2.63
N GLY A 119 -6.91 -34.11 -2.39
CA GLY A 119 -7.91 -35.12 -2.13
C GLY A 119 -8.38 -35.77 -3.41
N GLN A 120 -9.28 -36.73 -3.26
CA GLN A 120 -9.81 -37.47 -4.40
C GLN A 120 -10.99 -36.79 -5.08
N GLY A 121 -11.52 -35.71 -4.51
CA GLY A 121 -12.62 -34.97 -5.11
C GLY A 121 -13.99 -35.48 -4.70
N THR A 122 -14.90 -34.55 -4.37
CA THR A 122 -16.27 -34.90 -4.02
C THR A 122 -17.22 -34.12 -4.91
N LEU A 123 -18.21 -34.80 -5.48
CA LEU A 123 -19.12 -34.18 -6.44
C LEU A 123 -20.35 -33.64 -5.73
N VAL A 124 -20.68 -32.37 -5.98
CA VAL A 124 -21.89 -31.76 -5.45
C VAL A 124 -22.70 -31.22 -6.62
N THR A 125 -23.97 -31.60 -6.69
CA THR A 125 -24.86 -31.19 -7.77
C THR A 125 -26.04 -30.43 -7.18
N VAL A 126 -26.26 -29.22 -7.67
CA VAL A 126 -27.38 -28.38 -7.24
C VAL A 126 -28.40 -28.38 -8.37
N SER A 127 -29.52 -29.06 -8.16
CA SER A 127 -30.53 -29.19 -9.20
C SER A 127 -31.91 -29.27 -8.56
N SER A 128 -32.79 -28.36 -8.93
CA SER A 128 -34.16 -28.39 -8.42
C SER A 128 -34.98 -29.51 -9.02
N ALA A 129 -34.49 -30.16 -10.08
CA ALA A 129 -35.23 -31.25 -10.69
C ALA A 129 -35.15 -32.50 -9.82
N SER A 130 -36.12 -33.38 -10.01
CA SER A 130 -36.18 -34.65 -9.28
C SER A 130 -35.42 -35.72 -10.07
N THR A 131 -35.52 -36.97 -9.63
CA THR A 131 -34.87 -38.09 -10.28
C THR A 131 -35.92 -38.91 -11.00
N LYS A 132 -35.57 -39.36 -12.22
CA LYS A 132 -36.50 -40.13 -13.03
C LYS A 132 -35.71 -41.05 -13.95
N GLY A 133 -36.39 -42.08 -14.44
CA GLY A 133 -35.80 -43.00 -15.38
C GLY A 133 -35.69 -42.39 -16.77
N PRO A 134 -34.82 -42.95 -17.60
CA PRO A 134 -34.63 -42.43 -18.95
C PRO A 134 -35.66 -42.96 -19.94
N SER A 135 -35.73 -42.28 -21.07
CA SER A 135 -36.55 -42.71 -22.21
C SER A 135 -35.64 -43.02 -23.38
N VAL A 136 -35.80 -44.20 -23.96
CA VAL A 136 -34.92 -44.70 -25.01
C VAL A 136 -35.69 -44.74 -26.33
N PHE A 137 -35.07 -44.24 -27.40
CA PHE A 137 -35.62 -44.25 -28.74
C PHE A 137 -34.62 -44.86 -29.71
N PRO A 138 -35.09 -45.50 -30.77
CA PRO A 138 -34.20 -46.09 -31.76
C PRO A 138 -33.83 -45.08 -32.85
N LEU A 139 -32.86 -45.49 -33.67
CA LEU A 139 -32.38 -44.63 -34.76
C LEU A 139 -31.80 -45.55 -35.84
N ALA A 140 -32.58 -45.75 -36.93
CA ALA A 140 -32.14 -46.62 -38.01
C ALA A 140 -31.54 -45.79 -39.14
N PRO A 141 -30.56 -46.36 -39.86
CA PRO A 141 -29.89 -45.59 -40.92
C PRO A 141 -30.85 -45.22 -42.04
N SER A 142 -30.61 -44.06 -42.63
CA SER A 142 -31.43 -43.61 -43.73
C SER A 142 -31.23 -44.51 -44.95
N SER A 143 -32.34 -44.86 -45.60
CA SER A 143 -32.29 -45.74 -46.76
C SER A 143 -31.76 -45.05 -48.02
N LYS A 144 -31.70 -43.72 -48.02
CA LYS A 144 -31.27 -42.96 -49.19
C LYS A 144 -29.77 -42.70 -49.21
N SER A 145 -29.05 -43.01 -48.13
CA SER A 145 -27.63 -42.75 -48.04
C SER A 145 -26.91 -43.98 -47.51
N THR A 146 -25.69 -44.20 -47.99
CA THR A 146 -24.87 -45.34 -47.56
C THR A 146 -25.63 -46.66 -47.74
N SER A 147 -26.31 -46.78 -48.87
CA SER A 147 -27.08 -47.98 -49.18
C SER A 147 -26.13 -49.08 -49.63
N GLY A 148 -25.94 -50.10 -48.77
CA GLY A 148 -25.01 -51.16 -49.03
C GLY A 148 -23.59 -50.91 -48.53
N GLY A 149 -23.31 -49.70 -48.04
CA GLY A 149 -21.98 -49.40 -47.55
C GLY A 149 -21.94 -49.23 -46.04
N THR A 150 -21.47 -48.07 -45.58
CA THR A 150 -21.38 -47.82 -44.14
C THR A 150 -22.78 -47.70 -43.55
N ALA A 151 -23.04 -48.45 -42.48
CA ALA A 151 -24.34 -48.46 -41.83
C ALA A 151 -24.15 -48.17 -40.34
N ALA A 152 -24.93 -47.22 -39.83
CA ALA A 152 -24.84 -46.83 -38.43
C ALA A 152 -26.22 -46.92 -37.79
N LEU A 153 -26.29 -47.57 -36.64
CA LEU A 153 -27.51 -47.69 -35.87
C LEU A 153 -27.32 -47.05 -34.50
N GLY A 154 -28.29 -46.26 -34.07
CA GLY A 154 -28.14 -45.50 -32.84
C GLY A 154 -29.31 -45.72 -31.90
N CYS A 155 -29.04 -45.46 -30.62
CA CYS A 155 -30.05 -45.45 -29.58
C CYS A 155 -29.89 -44.19 -28.75
N LEU A 156 -30.98 -43.44 -28.61
CA LEU A 156 -30.98 -42.14 -27.95
C LEU A 156 -31.66 -42.26 -26.59
N VAL A 157 -30.97 -41.80 -25.55
CA VAL A 157 -31.52 -41.78 -24.20
C VAL A 157 -31.73 -40.33 -23.80
N LYS A 158 -32.92 -40.03 -23.26
CA LYS A 158 -33.28 -38.66 -22.94
C LYS A 158 -34.07 -38.61 -21.64
N ASP A 159 -33.92 -37.49 -20.94
CA ASP A 159 -34.72 -37.19 -19.74
C ASP A 159 -34.53 -38.27 -18.67
N TYR A 160 -33.31 -38.34 -18.15
CA TYR A 160 -32.95 -39.26 -17.08
C TYR A 160 -32.20 -38.50 -16.01
N PHE A 161 -32.20 -39.06 -14.80
CA PHE A 161 -31.49 -38.45 -13.69
C PHE A 161 -31.29 -39.47 -12.57
N PRO A 162 -30.14 -39.48 -11.90
CA PRO A 162 -29.01 -38.58 -12.13
C PRO A 162 -28.12 -39.02 -13.29
N GLU A 163 -26.90 -38.47 -13.33
CA GLU A 163 -26.03 -38.69 -14.47
C GLU A 163 -25.72 -40.16 -14.75
N PRO A 164 -25.43 -41.01 -13.77
CA PRO A 164 -24.94 -42.36 -14.10
C PRO A 164 -25.96 -43.18 -14.87
N VAL A 165 -25.64 -43.45 -16.15
CA VAL A 165 -26.48 -44.29 -17.00
C VAL A 165 -25.58 -44.97 -18.03
N THR A 166 -25.63 -46.29 -18.08
CA THR A 166 -24.74 -47.07 -18.95
C THR A 166 -25.54 -47.69 -20.09
N VAL A 167 -25.06 -47.50 -21.31
CA VAL A 167 -25.70 -48.04 -22.51
C VAL A 167 -24.80 -49.10 -23.11
N SER A 168 -25.36 -50.27 -23.38
CA SER A 168 -24.61 -51.36 -23.99
C SER A 168 -25.40 -51.97 -25.13
N TRP A 169 -24.70 -52.66 -26.03
CA TRP A 169 -25.31 -53.27 -27.19
C TRP A 169 -25.18 -54.80 -27.08
N ASN A 170 -26.29 -55.49 -27.26
CA ASN A 170 -26.36 -56.95 -27.21
C ASN A 170 -25.46 -57.50 -26.09
N SER A 171 -25.68 -56.97 -24.89
CA SER A 171 -24.92 -57.37 -23.71
C SER A 171 -23.42 -57.14 -23.89
N GLY A 172 -23.06 -56.12 -24.66
CA GLY A 172 -21.67 -55.76 -24.88
C GLY A 172 -20.93 -56.60 -25.89
N ALA A 173 -21.59 -57.55 -26.54
CA ALA A 173 -20.91 -58.39 -27.53
C ALA A 173 -20.43 -57.58 -28.73
N LEU A 174 -21.05 -56.44 -29.00
CA LEU A 174 -20.66 -55.57 -30.10
C LEU A 174 -19.78 -54.46 -29.56
N THR A 175 -18.57 -54.32 -30.11
CA THR A 175 -17.62 -53.34 -29.64
C THR A 175 -16.94 -52.55 -30.76
N SER A 176 -17.04 -52.97 -32.01
CA SER A 176 -16.39 -52.28 -33.11
C SER A 176 -17.23 -51.09 -33.55
N GLY A 177 -16.64 -49.90 -33.56
CA GLY A 177 -17.32 -48.72 -34.02
C GLY A 177 -18.43 -48.24 -33.12
N VAL A 178 -18.44 -48.65 -31.85
CA VAL A 178 -19.45 -48.22 -30.90
C VAL A 178 -18.93 -46.99 -30.17
N HIS A 179 -19.66 -45.88 -30.29
CA HIS A 179 -19.27 -44.62 -29.69
C HIS A 179 -20.38 -44.12 -28.77
N THR A 180 -20.01 -43.73 -27.56
CA THR A 180 -20.93 -43.15 -26.61
C THR A 180 -20.59 -41.67 -26.42
N PHE A 181 -21.61 -40.85 -26.32
CA PHE A 181 -21.41 -39.42 -26.23
C PHE A 181 -21.70 -38.91 -24.83
N PRO A 182 -20.90 -37.98 -24.32
CA PRO A 182 -21.14 -37.46 -22.97
C PRO A 182 -22.50 -36.80 -22.88
N ALA A 183 -23.16 -37.01 -21.74
CA ALA A 183 -24.49 -36.45 -21.53
C ALA A 183 -24.43 -34.93 -21.48
N VAL A 184 -25.49 -34.30 -22.00
CA VAL A 184 -25.60 -32.85 -22.07
C VAL A 184 -26.80 -32.42 -21.24
N LEU A 185 -26.59 -31.42 -20.38
CA LEU A 185 -27.63 -30.91 -19.51
C LEU A 185 -28.31 -29.72 -20.18
N GLN A 186 -29.60 -29.88 -20.49
CA GLN A 186 -30.37 -28.88 -21.22
C GLN A 186 -31.28 -28.12 -20.26
N SER A 187 -32.15 -27.27 -20.82
CA SER A 187 -32.90 -26.30 -20.02
C SER A 187 -33.82 -26.98 -19.01
N SER A 188 -34.54 -28.02 -19.42
CA SER A 188 -35.51 -28.62 -18.51
C SER A 188 -34.84 -29.32 -17.33
N GLY A 189 -33.53 -29.50 -17.36
CA GLY A 189 -32.80 -30.07 -16.24
C GLY A 189 -32.50 -31.54 -16.34
N LEU A 190 -32.77 -32.18 -17.48
CA LEU A 190 -32.53 -33.60 -17.65
C LEU A 190 -31.48 -33.82 -18.74
N TYR A 191 -30.75 -34.92 -18.62
CA TYR A 191 -29.65 -35.21 -19.52
C TYR A 191 -30.12 -35.98 -20.74
N SER A 192 -29.37 -35.86 -21.82
CA SER A 192 -29.69 -36.56 -23.05
C SER A 192 -28.40 -36.94 -23.76
N LEU A 193 -28.25 -38.22 -24.06
CA LEU A 193 -27.07 -38.71 -24.76
C LEU A 193 -27.49 -39.73 -25.80
N SER A 194 -26.50 -40.27 -26.52
CA SER A 194 -26.74 -41.18 -27.61
C SER A 194 -25.64 -42.23 -27.65
N SER A 195 -25.94 -43.35 -28.29
CA SER A 195 -24.96 -44.41 -28.53
C SER A 195 -25.14 -44.89 -29.96
N VAL A 196 -24.15 -44.64 -30.82
CA VAL A 196 -24.22 -45.00 -32.22
C VAL A 196 -23.11 -46.00 -32.53
N VAL A 197 -23.45 -47.05 -33.26
CA VAL A 197 -22.52 -48.09 -33.67
C VAL A 197 -22.50 -48.14 -35.19
N THR A 198 -21.30 -48.12 -35.76
CA THR A 198 -21.14 -48.22 -37.22
C THR A 198 -21.36 -49.66 -37.63
N VAL A 199 -22.61 -49.99 -37.92
CA VAL A 199 -23.00 -51.36 -38.29
C VAL A 199 -22.29 -51.75 -39.58
N PRO A 200 -21.89 -53.00 -39.72
CA PRO A 200 -21.20 -53.41 -40.95
C PRO A 200 -22.13 -53.46 -42.15
N SER A 201 -21.60 -53.89 -43.30
CA SER A 201 -22.37 -53.97 -44.53
C SER A 201 -23.23 -55.24 -44.51
N SER A 202 -23.75 -55.62 -45.67
CA SER A 202 -24.60 -56.80 -45.81
C SER A 202 -25.93 -56.60 -45.09
N SER A 203 -26.62 -55.51 -45.43
CA SER A 203 -27.92 -55.18 -44.86
C SER A 203 -27.82 -54.99 -43.34
N LEU A 204 -26.71 -54.39 -42.90
CA LEU A 204 -26.49 -54.16 -41.48
C LEU A 204 -26.44 -55.46 -40.69
N GLY A 205 -26.06 -56.55 -41.35
CA GLY A 205 -25.97 -57.84 -40.70
C GLY A 205 -27.30 -58.53 -40.46
N THR A 206 -28.40 -57.97 -40.97
CA THR A 206 -29.73 -58.54 -40.82
C THR A 206 -29.98 -59.02 -39.39
N GLN A 207 -29.62 -58.16 -38.44
CA GLN A 207 -29.78 -58.45 -37.02
C GLN A 207 -30.43 -57.27 -36.34
N THR A 208 -31.47 -57.55 -35.54
CA THR A 208 -32.15 -56.50 -34.77
C THR A 208 -31.39 -56.29 -33.48
N TYR A 209 -30.55 -55.25 -33.44
CA TYR A 209 -29.70 -55.02 -32.29
C TYR A 209 -30.52 -54.63 -31.07
N ILE A 210 -29.94 -54.86 -29.90
CA ILE A 210 -30.60 -54.56 -28.64
C ILE A 210 -29.74 -53.58 -27.86
N CYS A 211 -30.31 -52.43 -27.51
CA CYS A 211 -29.66 -51.46 -26.64
C CYS A 211 -30.22 -51.61 -25.24
N ASN A 212 -29.37 -52.00 -24.30
CA ASN A 212 -29.75 -52.12 -22.90
C ASN A 212 -29.20 -50.91 -22.13
N VAL A 213 -30.09 -50.20 -21.46
CA VAL A 213 -29.74 -49.00 -20.71
C VAL A 213 -29.98 -49.29 -19.24
N ASN A 214 -28.92 -49.16 -18.44
CA ASN A 214 -28.96 -49.42 -17.01
C ASN A 214 -28.79 -48.11 -16.26
N HIS A 215 -29.72 -47.83 -15.35
CA HIS A 215 -29.70 -46.62 -14.54
C HIS A 215 -29.87 -47.06 -13.08
N LYS A 216 -28.75 -47.21 -12.39
CA LYS A 216 -28.80 -47.70 -11.01
C LYS A 216 -29.68 -46.84 -10.11
N PRO A 217 -29.58 -45.50 -10.14
CA PRO A 217 -30.44 -44.72 -9.22
C PRO A 217 -31.91 -45.00 -9.39
N SER A 218 -32.38 -45.21 -10.62
CA SER A 218 -33.77 -45.55 -10.88
C SER A 218 -34.00 -47.05 -11.00
N ASN A 219 -32.93 -47.85 -10.97
CA ASN A 219 -33.05 -49.30 -11.09
C ASN A 219 -33.83 -49.68 -12.34
N THR A 220 -33.51 -49.04 -13.46
CA THR A 220 -34.15 -49.29 -14.74
C THR A 220 -33.20 -50.07 -15.64
N LYS A 221 -33.71 -51.13 -16.27
CA LYS A 221 -32.94 -51.97 -17.19
C LYS A 221 -33.68 -52.10 -18.52
N VAL A 222 -34.13 -50.96 -19.06
CA VAL A 222 -34.89 -50.97 -20.30
C VAL A 222 -34.00 -51.46 -21.44
N ASP A 223 -34.50 -52.42 -22.20
CA ASP A 223 -33.82 -52.94 -23.39
C ASP A 223 -34.71 -52.68 -24.60
N LYS A 224 -34.24 -51.85 -25.51
CA LYS A 224 -34.95 -51.52 -26.73
C LYS A 224 -34.37 -52.28 -27.91
N LYS A 225 -35.23 -52.58 -28.88
CA LYS A 225 -34.84 -53.33 -30.06
C LYS A 225 -34.87 -52.41 -31.28
N VAL A 226 -33.75 -52.35 -32.00
CA VAL A 226 -33.61 -51.51 -33.18
C VAL A 226 -33.36 -52.41 -34.38
N GLU A 227 -34.16 -52.21 -35.44
CA GLU A 227 -34.04 -52.98 -36.66
C GLU A 227 -34.00 -52.04 -37.86
N PRO A 228 -33.37 -52.46 -38.94
CA PRO A 228 -33.26 -51.58 -40.11
C PRO A 228 -34.63 -51.21 -40.66
N LYS A 229 -34.74 -49.99 -41.15
CA LYS A 229 -35.99 -49.49 -41.69
C LYS A 229 -36.46 -50.35 -42.87
N GLN B 3 -11.36 -8.16 -52.43
CA GLN B 3 -10.46 -7.38 -51.59
C GLN B 3 -9.08 -8.02 -51.51
N VAL B 4 -9.02 -9.34 -51.72
CA VAL B 4 -7.77 -10.08 -51.66
C VAL B 4 -7.70 -11.02 -52.87
N GLN B 5 -6.48 -11.43 -53.20
CA GLN B 5 -6.25 -12.37 -54.29
C GLN B 5 -5.02 -13.22 -53.97
N LEU B 6 -4.95 -14.37 -54.62
CA LEU B 6 -3.83 -15.28 -54.43
C LEU B 6 -3.30 -15.72 -55.78
N GLN B 7 -1.97 -15.68 -55.93
CA GLN B 7 -1.30 -16.06 -57.16
C GLN B 7 -0.33 -17.19 -56.86
N GLU B 8 -0.39 -18.25 -57.66
CA GLU B 8 0.46 -19.42 -57.46
C GLU B 8 1.55 -19.43 -58.53
N SER B 9 2.80 -19.56 -58.09
CA SER B 9 3.93 -19.63 -58.99
C SER B 9 4.11 -21.08 -59.48
N GLY B 10 5.26 -21.37 -60.07
CA GLY B 10 5.57 -22.72 -60.46
C GLY B 10 4.82 -23.17 -61.71
N GLY B 11 4.99 -24.45 -62.01
CA GLY B 11 4.38 -25.06 -63.16
C GLY B 11 5.39 -25.94 -63.88
N GLY B 12 5.15 -26.15 -65.17
CA GLY B 12 6.04 -26.95 -65.99
C GLY B 12 5.74 -28.43 -65.90
N LEU B 13 6.48 -29.19 -66.71
CA LEU B 13 6.34 -30.65 -66.74
C LEU B 13 7.36 -31.26 -65.80
N VAL B 14 6.87 -31.92 -64.75
CA VAL B 14 7.76 -32.57 -63.80
C VAL B 14 8.18 -33.94 -64.31
N GLN B 15 9.19 -34.51 -63.67
CA GLN B 15 9.71 -35.82 -64.04
C GLN B 15 9.83 -36.70 -62.81
N PRO B 16 9.74 -38.01 -62.98
CA PRO B 16 9.85 -38.92 -61.82
C PRO B 16 11.18 -38.75 -61.12
N GLY B 17 11.16 -38.86 -59.80
CA GLY B 17 12.36 -38.73 -58.99
C GLY B 17 12.77 -37.31 -58.67
N GLY B 18 12.05 -36.31 -59.17
CA GLY B 18 12.37 -34.92 -58.91
C GLY B 18 11.72 -34.40 -57.64
N SER B 19 11.89 -33.10 -57.42
CA SER B 19 11.33 -32.41 -56.27
C SER B 19 10.66 -31.11 -56.72
N LEU B 20 9.71 -30.65 -55.93
CA LEU B 20 8.93 -29.47 -56.25
C LEU B 20 9.14 -28.40 -55.19
N ARG B 21 9.29 -27.15 -55.64
CA ARG B 21 9.46 -25.99 -54.77
C ARG B 21 8.47 -24.93 -55.24
N LEU B 22 7.28 -24.94 -54.67
CA LEU B 22 6.21 -24.05 -55.09
C LEU B 22 5.96 -22.97 -54.03
N SER B 23 5.27 -21.91 -54.45
CA SER B 23 4.93 -20.83 -53.54
C SER B 23 3.64 -20.17 -54.01
N CYS B 24 2.85 -19.70 -53.05
CA CYS B 24 1.62 -18.96 -53.31
C CYS B 24 1.68 -17.65 -52.56
N ALA B 25 1.44 -16.55 -53.26
CA ALA B 25 1.54 -15.21 -52.71
C ALA B 25 0.16 -14.57 -52.62
N ALA B 26 -0.12 -13.95 -51.48
CA ALA B 26 -1.40 -13.29 -51.23
C ALA B 26 -1.22 -11.79 -51.33
N SER B 27 -2.09 -11.14 -52.11
CA SER B 27 -2.06 -9.70 -52.30
C SER B 27 -3.39 -9.10 -51.86
N GLY B 28 -3.32 -8.01 -51.09
CA GLY B 28 -4.49 -7.35 -50.58
C GLY B 28 -4.93 -7.79 -49.20
N ARG B 29 -4.27 -8.79 -48.61
CA ARG B 29 -4.64 -9.26 -47.28
C ARG B 29 -3.43 -9.89 -46.62
N THR B 30 -3.51 -10.03 -45.30
CA THR B 30 -2.46 -10.64 -44.51
C THR B 30 -2.70 -12.15 -44.36
N ILE B 31 -1.72 -12.82 -43.78
CA ILE B 31 -1.82 -14.27 -43.55
C ILE B 31 -1.67 -14.65 -42.09
N SER B 32 -0.98 -13.86 -41.27
CA SER B 32 -0.77 -14.24 -39.88
C SER B 32 -2.09 -14.34 -39.12
N ARG B 33 -2.99 -13.38 -39.35
CA ARG B 33 -4.27 -13.39 -38.65
C ARG B 33 -5.08 -14.63 -39.01
N TYR B 34 -5.08 -15.01 -40.28
CA TYR B 34 -5.93 -16.09 -40.77
C TYR B 34 -5.11 -17.38 -40.90
N ALA B 35 -5.73 -18.41 -41.47
CA ALA B 35 -5.09 -19.69 -41.70
C ALA B 35 -4.69 -19.82 -43.16
N MET B 36 -4.21 -21.01 -43.53
CA MET B 36 -3.81 -21.28 -44.91
C MET B 36 -3.92 -22.77 -45.16
N SER B 37 -4.39 -23.15 -46.34
CA SER B 37 -4.56 -24.56 -46.66
C SER B 37 -4.09 -24.83 -48.08
N TRP B 38 -3.81 -26.10 -48.36
CA TRP B 38 -3.26 -26.55 -49.63
C TRP B 38 -4.08 -27.73 -50.09
N PHE B 39 -4.70 -27.61 -51.26
CA PHE B 39 -5.61 -28.62 -51.79
C PHE B 39 -5.15 -29.08 -53.17
N ARG B 40 -5.63 -30.26 -53.56
CA ARG B 40 -5.37 -30.82 -54.88
C ARG B 40 -6.69 -31.05 -55.62
N GLN B 41 -6.66 -30.82 -56.92
CA GLN B 41 -7.80 -31.08 -57.79
C GLN B 41 -7.34 -31.97 -58.92
N ALA B 42 -7.87 -33.20 -58.98
CA ALA B 42 -7.47 -34.16 -59.99
C ALA B 42 -8.72 -34.86 -60.53
N PRO B 43 -8.66 -35.33 -61.77
CA PRO B 43 -9.79 -36.10 -62.31
C PRO B 43 -10.03 -37.36 -61.49
N GLY B 44 -11.30 -37.72 -61.38
CA GLY B 44 -11.68 -38.89 -60.58
C GLY B 44 -11.74 -38.65 -59.09
N LYS B 45 -10.73 -37.98 -58.53
CA LYS B 45 -10.69 -37.65 -57.10
C LYS B 45 -10.18 -36.22 -56.98
N GLU B 46 -11.12 -35.28 -56.93
CA GLU B 46 -10.82 -33.85 -56.83
C GLU B 46 -11.34 -33.30 -55.51
N ARG B 47 -11.06 -32.02 -55.26
CA ARG B 47 -11.43 -31.37 -54.00
C ARG B 47 -10.91 -32.17 -52.81
N GLU B 48 -9.68 -32.65 -52.93
CA GLU B 48 -9.06 -33.49 -51.91
C GLU B 48 -8.11 -32.64 -51.07
N PHE B 49 -8.29 -32.68 -49.76
CA PHE B 49 -7.41 -31.93 -48.86
C PHE B 49 -5.99 -32.47 -48.95
N VAL B 50 -5.02 -31.57 -48.80
CA VAL B 50 -3.62 -31.96 -48.85
C VAL B 50 -2.93 -31.60 -47.54
N ALA B 51 -2.92 -30.31 -47.20
CA ALA B 51 -2.22 -29.86 -46.00
C ALA B 51 -2.85 -28.58 -45.49
N VAL B 52 -2.50 -28.22 -44.26
CA VAL B 52 -3.00 -26.99 -43.65
C VAL B 52 -2.00 -26.49 -42.62
N ALA B 53 -1.79 -25.17 -42.62
CA ALA B 53 -0.99 -24.48 -41.62
C ALA B 53 -1.82 -23.33 -41.08
N ARG B 54 -1.76 -23.10 -39.77
CA ARG B 54 -2.76 -22.24 -39.13
C ARG B 54 -2.33 -20.77 -39.06
N ARG B 55 -1.31 -20.47 -38.27
CA ARG B 55 -0.95 -19.05 -38.28
C ARG B 55 0.54 -18.79 -38.42
N SER B 56 1.39 -19.55 -37.71
CA SER B 56 2.82 -19.26 -37.69
C SER B 56 3.70 -20.49 -37.72
N GLY B 57 3.17 -21.69 -37.47
CA GLY B 57 3.99 -22.86 -37.32
C GLY B 57 3.74 -23.55 -35.99
N ASP B 58 2.60 -23.25 -35.37
CA ASP B 58 2.19 -23.92 -34.14
C ASP B 58 1.80 -25.36 -34.36
N GLY B 59 1.93 -25.86 -35.58
CA GLY B 59 1.52 -27.21 -35.94
C GLY B 59 0.83 -27.25 -37.27
N ALA B 60 1.32 -28.10 -38.17
CA ALA B 60 0.78 -28.24 -39.51
C ALA B 60 0.24 -29.64 -39.69
N PHE B 61 -0.91 -29.73 -40.37
CA PHE B 61 -1.60 -31.00 -40.55
C PHE B 61 -1.48 -31.45 -42.00
N TYR B 62 -1.10 -32.71 -42.19
CA TYR B 62 -0.91 -33.29 -43.51
C TYR B 62 -1.94 -34.39 -43.74
N ALA B 63 -2.34 -34.54 -45.01
CA ALA B 63 -3.26 -35.61 -45.36
C ALA B 63 -2.57 -36.96 -45.23
N ASP B 64 -3.37 -38.01 -45.09
CA ASP B 64 -2.80 -39.34 -44.86
C ASP B 64 -1.95 -39.77 -46.04
N SER B 65 -2.37 -39.46 -47.26
CA SER B 65 -1.64 -39.87 -48.46
C SER B 65 -0.54 -38.88 -48.85
N VAL B 66 -0.37 -37.80 -48.10
CA VAL B 66 0.64 -36.79 -48.43
C VAL B 66 1.54 -36.55 -47.23
N GLN B 67 1.53 -37.48 -46.28
CA GLN B 67 2.32 -37.32 -45.06
C GLN B 67 3.77 -37.72 -45.34
N GLY B 68 4.71 -36.86 -44.92
CA GLY B 68 6.11 -37.12 -45.06
C GLY B 68 6.75 -36.61 -46.34
N ARG B 69 5.96 -36.12 -47.29
CA ARG B 69 6.48 -35.56 -48.52
C ARG B 69 6.13 -34.09 -48.71
N PHE B 70 5.38 -33.48 -47.81
CA PHE B 70 4.99 -32.08 -47.90
C PHE B 70 5.59 -31.30 -46.75
N THR B 71 6.16 -30.13 -47.06
CA THR B 71 6.61 -29.19 -46.05
C THR B 71 6.07 -27.81 -46.39
N VAL B 72 5.46 -27.13 -45.42
CA VAL B 72 4.81 -25.85 -45.66
C VAL B 72 5.34 -24.82 -44.68
N SER B 73 5.73 -23.66 -45.19
CA SER B 73 6.20 -22.55 -44.37
C SER B 73 5.55 -21.26 -44.83
N ARG B 74 5.51 -20.27 -43.94
CA ARG B 74 4.85 -19.01 -44.22
C ARG B 74 5.75 -17.84 -43.84
N ASP B 75 5.74 -16.80 -44.66
CA ASP B 75 6.48 -15.57 -44.38
C ASP B 75 5.49 -14.41 -44.38
N ASP B 76 5.46 -13.65 -43.29
CA ASP B 76 4.57 -12.49 -43.21
C ASP B 76 5.12 -11.32 -44.01
N ALA B 77 6.44 -11.12 -43.98
CA ALA B 77 7.02 -9.97 -44.65
C ALA B 77 6.66 -9.97 -46.13
N LYS B 78 6.79 -11.11 -46.79
CA LYS B 78 6.34 -11.27 -48.17
C LYS B 78 4.90 -11.77 -48.26
N ASN B 79 4.29 -12.15 -47.12
CA ASN B 79 2.92 -12.66 -47.10
C ASN B 79 2.75 -13.79 -48.10
N THR B 80 3.60 -14.81 -47.98
CA THR B 80 3.64 -15.91 -48.93
C THR B 80 3.72 -17.23 -48.18
N VAL B 81 3.33 -18.29 -48.88
CA VAL B 81 3.38 -19.65 -48.34
C VAL B 81 4.17 -20.52 -49.32
N TYR B 82 5.25 -21.12 -48.83
CA TYR B 82 6.13 -21.95 -49.65
C TYR B 82 5.95 -23.42 -49.29
N LEU B 83 5.82 -24.25 -50.32
CA LEU B 83 5.66 -25.69 -50.19
C LEU B 83 6.84 -26.40 -50.84
N GLN B 84 7.40 -27.37 -50.14
CA GLN B 84 8.50 -28.18 -50.63
C GLN B 84 8.06 -29.64 -50.66
N MET B 85 8.37 -30.32 -51.76
CA MET B 85 7.93 -31.68 -52.00
C MET B 85 9.11 -32.50 -52.51
N ASN B 86 9.25 -33.71 -51.98
CA ASN B 86 10.33 -34.60 -52.37
C ASN B 86 9.78 -36.00 -52.60
N SER B 87 10.49 -36.76 -53.44
CA SER B 87 10.10 -38.13 -53.78
C SER B 87 8.77 -38.13 -54.53
N LEU B 88 8.69 -37.32 -55.58
CA LEU B 88 7.48 -37.23 -56.37
C LEU B 88 7.11 -38.58 -56.95
N LYS B 89 5.82 -38.87 -56.97
CA LYS B 89 5.28 -40.09 -57.52
C LYS B 89 4.41 -39.80 -58.74
N PRO B 90 4.21 -40.78 -59.63
CA PRO B 90 3.43 -40.54 -60.84
C PRO B 90 1.95 -40.25 -60.57
N GLU B 91 1.46 -40.50 -59.36
CA GLU B 91 0.06 -40.30 -59.02
C GLU B 91 -0.18 -38.95 -58.34
N ASP B 92 0.56 -37.92 -58.74
CA ASP B 92 0.37 -36.58 -58.22
C ASP B 92 0.05 -35.59 -59.32
N THR B 93 -0.53 -36.08 -60.42
CA THR B 93 -0.90 -35.24 -61.56
C THR B 93 -2.22 -34.56 -61.24
N ALA B 94 -2.17 -33.28 -60.93
CA ALA B 94 -3.37 -32.53 -60.57
C ALA B 94 -3.02 -31.05 -60.54
N VAL B 95 -3.97 -30.23 -60.10
CA VAL B 95 -3.78 -28.79 -59.94
C VAL B 95 -3.76 -28.47 -58.45
N TYR B 96 -2.69 -27.81 -58.02
CA TYR B 96 -2.55 -27.38 -56.64
C TYR B 96 -3.23 -26.04 -56.43
N TYR B 97 -3.93 -25.91 -55.29
CA TYR B 97 -4.62 -24.70 -54.92
C TYR B 97 -4.18 -24.25 -53.53
N CYS B 98 -3.83 -22.97 -53.41
CA CYS B 98 -3.47 -22.36 -52.14
C CYS B 98 -4.69 -21.58 -51.65
N ALA B 99 -5.41 -22.13 -50.68
CA ALA B 99 -6.70 -21.61 -50.26
C ALA B 99 -6.58 -20.84 -48.95
N ILE B 100 -7.29 -19.71 -48.87
CA ILE B 100 -7.30 -18.85 -47.70
C ILE B 100 -8.70 -18.87 -47.11
N ASP B 101 -8.79 -19.12 -45.81
CA ASP B 101 -10.07 -19.19 -45.13
C ASP B 101 -10.48 -17.83 -44.58
N SER B 102 -11.78 -17.59 -44.55
CA SER B 102 -12.34 -16.34 -44.05
C SER B 102 -12.80 -16.44 -42.60
N ASP B 103 -12.60 -17.58 -41.94
CA ASP B 103 -13.04 -17.78 -40.57
C ASP B 103 -11.82 -17.78 -39.65
N THR B 104 -11.90 -17.00 -38.56
CA THR B 104 -10.82 -16.92 -37.60
C THR B 104 -10.77 -18.10 -36.64
N PHE B 105 -11.82 -18.92 -36.59
CA PHE B 105 -11.89 -20.03 -35.66
C PHE B 105 -11.34 -21.32 -36.26
N TYR B 106 -10.82 -21.28 -37.48
CA TYR B 106 -10.23 -22.45 -38.13
C TYR B 106 -11.29 -23.51 -38.45
N SER B 107 -12.50 -23.06 -38.80
CA SER B 107 -13.57 -23.99 -39.13
C SER B 107 -13.47 -24.55 -40.54
N GLY B 108 -12.64 -23.96 -41.39
CA GLY B 108 -12.51 -24.42 -42.76
C GLY B 108 -13.38 -23.65 -43.74
N SER B 109 -13.49 -22.34 -43.54
CA SER B 109 -14.32 -21.49 -44.41
C SER B 109 -13.45 -21.01 -45.56
N TYR B 110 -13.38 -21.83 -46.61
CA TYR B 110 -12.60 -21.54 -47.79
C TYR B 110 -13.52 -21.16 -48.95
N ASP B 111 -13.25 -20.03 -49.57
CA ASP B 111 -14.04 -19.53 -50.70
C ASP B 111 -13.22 -19.26 -51.93
N TYR B 112 -12.00 -18.72 -51.77
CA TYR B 112 -11.15 -18.38 -52.90
C TYR B 112 -10.14 -19.50 -53.16
N TRP B 113 -10.03 -19.90 -54.42
CA TRP B 113 -9.14 -20.98 -54.83
C TRP B 113 -7.98 -20.49 -55.70
N GLY B 114 -8.24 -19.59 -56.63
CA GLY B 114 -7.21 -19.13 -57.54
C GLY B 114 -7.00 -20.10 -58.69
N GLN B 115 -6.09 -19.72 -59.58
CA GLN B 115 -5.76 -20.56 -60.72
C GLN B 115 -4.93 -21.77 -60.33
N GLY B 116 -4.26 -21.74 -59.19
CA GLY B 116 -3.47 -22.88 -58.78
C GLY B 116 -2.27 -23.08 -59.71
N THR B 117 -1.82 -24.33 -59.75
CA THR B 117 -0.72 -24.72 -60.64
C THR B 117 -0.93 -26.16 -61.05
N GLN B 118 -1.06 -26.41 -62.35
CA GLN B 118 -1.38 -27.72 -62.88
C GLN B 118 -0.10 -28.44 -63.28
N VAL B 119 0.10 -29.65 -62.76
CA VAL B 119 1.33 -30.41 -62.99
C VAL B 119 0.96 -31.87 -63.24
N THR B 120 1.69 -32.49 -64.18
CA THR B 120 1.51 -33.90 -64.50
C THR B 120 2.87 -34.60 -64.53
N VAL B 121 2.85 -35.91 -64.30
CA VAL B 121 4.04 -36.74 -64.34
C VAL B 121 3.86 -37.78 -65.45
N SER B 122 4.85 -37.89 -66.31
CA SER B 122 4.80 -38.84 -67.43
C SER B 122 3.70 -38.47 -68.41
N ASP C 2 -7.48 -10.82 -8.35
CA ASP C 2 -6.93 -9.51 -8.67
C ASP C 2 -5.71 -9.63 -9.57
N ILE C 3 -5.13 -10.82 -9.60
CA ILE C 3 -4.00 -11.14 -10.46
C ILE C 3 -4.39 -12.30 -11.36
N GLN C 4 -4.20 -12.14 -12.66
CA GLN C 4 -4.68 -13.09 -13.65
C GLN C 4 -3.51 -13.79 -14.31
N MET C 5 -3.61 -15.12 -14.42
CA MET C 5 -2.63 -15.95 -15.11
C MET C 5 -3.22 -16.35 -16.45
N THR C 6 -2.47 -16.12 -17.54
CA THR C 6 -2.96 -16.36 -18.90
C THR C 6 -2.05 -17.33 -19.64
N GLN C 7 -2.54 -18.54 -19.90
CA GLN C 7 -1.76 -19.54 -20.63
C GLN C 7 -2.00 -19.40 -22.13
N SER C 8 -0.90 -19.31 -22.90
CA SER C 8 -1.02 -18.99 -24.32
C SER C 8 -1.62 -20.14 -25.11
N PRO C 9 -0.95 -21.28 -25.28
CA PRO C 9 -1.46 -22.32 -26.19
C PRO C 9 -2.63 -23.07 -25.59
N SER C 10 -3.85 -22.56 -25.79
CA SER C 10 -5.01 -23.18 -25.16
C SER C 10 -5.20 -24.63 -25.61
N SER C 11 -4.63 -25.00 -26.76
CA SER C 11 -4.68 -26.37 -27.23
C SER C 11 -3.40 -26.65 -27.98
N LEU C 12 -2.71 -27.72 -27.60
CA LEU C 12 -1.44 -28.10 -28.21
C LEU C 12 -1.52 -29.57 -28.59
N SER C 13 -1.08 -29.88 -29.81
CA SER C 13 -1.10 -31.23 -30.34
C SER C 13 0.31 -31.62 -30.78
N ALA C 14 0.83 -32.69 -30.21
CA ALA C 14 2.17 -33.15 -30.52
C ALA C 14 2.23 -34.66 -30.35
N SER C 15 3.21 -35.28 -31.00
CA SER C 15 3.43 -36.71 -30.90
C SER C 15 4.66 -37.01 -30.05
N VAL C 16 4.82 -38.28 -29.70
CA VAL C 16 5.89 -38.68 -28.81
C VAL C 16 7.23 -38.24 -29.37
N GLY C 17 8.14 -37.88 -28.47
CA GLY C 17 9.48 -37.46 -28.86
C GLY C 17 9.59 -36.05 -29.38
N ASP C 18 8.59 -35.20 -29.16
CA ASP C 18 8.60 -33.82 -29.63
C ASP C 18 8.68 -32.86 -28.45
N ARG C 19 9.49 -31.83 -28.60
CA ARG C 19 9.59 -30.79 -27.58
C ARG C 19 8.29 -29.99 -27.52
N VAL C 20 7.86 -29.69 -26.30
CA VAL C 20 6.61 -28.97 -26.07
C VAL C 20 6.88 -27.84 -25.08
N THR C 21 6.28 -26.68 -25.32
CA THR C 21 6.45 -25.54 -24.44
C THR C 21 5.13 -24.84 -24.22
N ILE C 22 4.78 -24.64 -22.95
CA ILE C 22 3.55 -23.96 -22.54
C ILE C 22 3.94 -22.72 -21.76
N THR C 23 3.26 -21.61 -22.03
CA THR C 23 3.65 -20.32 -21.46
C THR C 23 2.50 -19.73 -20.64
N CYS C 24 2.87 -19.08 -19.54
CA CYS C 24 1.94 -18.45 -18.61
C CYS C 24 2.40 -17.02 -18.40
N ARG C 25 1.46 -16.10 -18.35
CA ARG C 25 1.74 -14.68 -18.21
C ARG C 25 0.96 -14.11 -17.05
N ALA C 26 1.66 -13.43 -16.15
CA ALA C 26 1.04 -12.84 -14.96
C ALA C 26 0.90 -11.34 -15.15
N SER C 27 -0.29 -10.82 -14.87
CA SER C 27 -0.52 -9.39 -15.02
C SER C 27 0.33 -8.59 -14.05
N GLN C 28 0.42 -9.05 -12.80
CA GLN C 28 1.25 -8.44 -11.78
C GLN C 28 2.65 -9.06 -11.83
N SER C 29 3.40 -8.90 -10.75
CA SER C 29 4.78 -9.37 -10.74
C SER C 29 5.07 -10.36 -9.62
N VAL C 30 4.24 -11.39 -9.45
CA VAL C 30 4.63 -12.50 -8.60
C VAL C 30 6.06 -12.89 -8.95
N SER C 31 6.93 -12.98 -7.94
CA SER C 31 8.35 -13.06 -8.23
C SER C 31 8.71 -14.43 -8.80
N SER C 32 8.59 -15.48 -7.98
CA SER C 32 8.80 -16.83 -8.46
C SER C 32 7.88 -17.82 -7.76
N ALA C 33 6.70 -17.39 -7.34
CA ALA C 33 5.80 -18.24 -6.58
C ALA C 33 4.88 -19.06 -7.47
N VAL C 34 5.27 -19.31 -8.70
CA VAL C 34 4.46 -20.00 -9.68
C VAL C 34 4.67 -21.50 -9.59
N ALA C 35 3.63 -22.27 -9.93
CA ALA C 35 3.69 -23.72 -9.90
C ALA C 35 2.96 -24.28 -11.11
N TRP C 36 3.31 -25.51 -11.48
CA TRP C 36 2.76 -26.18 -12.65
C TRP C 36 2.26 -27.55 -12.23
N TYR C 37 0.99 -27.84 -12.54
CA TYR C 37 0.33 -29.11 -12.25
C TYR C 37 -0.11 -29.76 -13.55
N GLN C 38 -0.30 -31.07 -13.53
CA GLN C 38 -0.94 -31.76 -14.64
C GLN C 38 -2.09 -32.61 -14.10
N GLN C 39 -3.18 -32.65 -14.85
CA GLN C 39 -4.36 -33.41 -14.48
C GLN C 39 -4.77 -34.31 -15.64
N LYS C 40 -4.96 -35.57 -15.37
CA LYS C 40 -5.54 -36.48 -16.32
C LYS C 40 -7.04 -36.62 -16.06
N PRO C 41 -7.84 -36.89 -17.09
CA PRO C 41 -9.30 -36.80 -16.93
C PRO C 41 -9.80 -37.73 -15.82
N GLY C 42 -10.63 -37.17 -14.94
CA GLY C 42 -11.25 -37.93 -13.88
C GLY C 42 -10.43 -38.09 -12.61
N LYS C 43 -9.27 -37.44 -12.50
CA LYS C 43 -8.41 -37.57 -11.35
C LYS C 43 -7.89 -36.21 -10.91
N ALA C 44 -7.50 -36.13 -9.64
CA ALA C 44 -7.05 -34.87 -9.07
C ALA C 44 -5.71 -34.47 -9.68
N PRO C 45 -5.37 -33.18 -9.63
CA PRO C 45 -4.09 -32.73 -10.17
C PRO C 45 -2.94 -33.27 -9.36
N LYS C 46 -1.74 -33.19 -9.94
CA LYS C 46 -0.52 -33.60 -9.26
C LYS C 46 0.57 -32.59 -9.54
N LEU C 47 1.20 -32.09 -8.49
CA LEU C 47 2.20 -31.05 -8.66
C LEU C 47 3.36 -31.55 -9.50
N LEU C 48 3.77 -30.74 -10.46
CA LEU C 48 4.94 -31.02 -11.29
C LEU C 48 6.12 -30.12 -10.96
N ILE C 49 5.89 -28.81 -10.92
CA ILE C 49 6.96 -27.85 -10.68
C ILE C 49 6.51 -26.82 -9.67
N TYR C 50 7.44 -26.35 -8.83
CA TYR C 50 7.17 -25.26 -7.91
C TYR C 50 8.29 -24.24 -7.99
N SER C 51 7.93 -22.97 -7.76
CA SER C 51 8.84 -21.83 -7.84
C SER C 51 9.28 -21.55 -9.26
N ALA C 52 8.61 -22.10 -10.25
CA ALA C 52 8.87 -21.79 -11.65
C ALA C 52 10.12 -22.47 -12.17
N SER C 53 10.92 -23.06 -11.29
CA SER C 53 12.13 -23.75 -11.74
C SER C 53 12.43 -25.05 -11.03
N SER C 54 11.84 -25.33 -9.88
CA SER C 54 12.31 -26.40 -8.99
C SER C 54 11.45 -27.65 -9.20
N LEU C 55 12.00 -28.63 -9.91
CA LEU C 55 11.27 -29.85 -10.21
C LEU C 55 10.85 -30.53 -8.92
N TYR C 56 9.57 -30.91 -8.84
CA TYR C 56 9.08 -31.62 -7.67
C TYR C 56 9.69 -33.01 -7.60
N SER C 57 9.94 -33.46 -6.37
CA SER C 57 10.55 -34.77 -6.18
C SER C 57 9.63 -35.87 -6.67
N GLY C 58 10.19 -36.84 -7.38
CA GLY C 58 9.46 -38.01 -7.79
C GLY C 58 8.87 -37.96 -9.19
N VAL C 59 8.84 -36.79 -9.82
CA VAL C 59 8.34 -36.68 -11.20
C VAL C 59 9.48 -36.95 -12.16
N PRO C 60 9.20 -37.39 -13.38
CA PRO C 60 10.27 -37.58 -14.36
C PRO C 60 11.01 -36.27 -14.61
N SER C 61 12.31 -36.40 -14.86
CA SER C 61 13.18 -35.24 -14.97
C SER C 61 13.14 -34.60 -16.36
N ARG C 62 12.21 -35.00 -17.22
CA ARG C 62 12.13 -34.38 -18.53
C ARG C 62 11.38 -33.05 -18.51
N PHE C 63 10.66 -32.75 -17.43
CA PHE C 63 9.96 -31.48 -17.29
C PHE C 63 10.91 -30.42 -16.77
N SER C 64 10.75 -29.20 -17.27
CA SER C 64 11.59 -28.09 -16.87
C SER C 64 10.75 -26.83 -16.75
N GLY C 65 11.18 -25.93 -15.88
CA GLY C 65 10.50 -24.67 -15.70
C GLY C 65 11.47 -23.51 -15.87
N SER C 66 10.91 -22.37 -16.26
CA SER C 66 11.74 -21.18 -16.47
C SER C 66 10.92 -19.93 -16.21
N ARG C 67 11.63 -18.84 -15.91
CA ARG C 67 11.00 -17.55 -15.71
C ARG C 67 11.84 -16.46 -16.35
N SER C 68 11.16 -15.47 -16.94
CA SER C 68 11.82 -14.30 -17.47
C SER C 68 10.85 -13.14 -17.35
N GLY C 69 11.16 -12.17 -16.49
CA GLY C 69 10.21 -11.13 -16.20
C GLY C 69 8.99 -11.74 -15.53
N THR C 70 7.82 -11.54 -16.14
CA THR C 70 6.59 -12.19 -15.69
C THR C 70 6.12 -13.28 -16.66
N ASP C 71 7.00 -13.76 -17.54
CA ASP C 71 6.66 -14.85 -18.44
C ASP C 71 7.25 -16.14 -17.88
N PHE C 72 6.39 -17.10 -17.55
CA PHE C 72 6.83 -18.38 -17.03
C PHE C 72 6.59 -19.46 -18.06
N THR C 73 7.48 -20.45 -18.08
CA THR C 73 7.51 -21.43 -19.16
C THR C 73 7.65 -22.83 -18.60
N LEU C 74 6.86 -23.77 -19.13
CA LEU C 74 7.00 -25.19 -18.85
C LEU C 74 7.45 -25.88 -20.12
N THR C 75 8.45 -26.74 -20.02
CA THR C 75 9.05 -27.37 -21.18
C THR C 75 9.12 -28.87 -20.96
N ILE C 76 8.70 -29.62 -21.96
CA ILE C 76 8.80 -31.08 -21.97
C ILE C 76 9.68 -31.47 -23.14
N SER C 77 10.78 -32.17 -22.85
CA SER C 77 11.74 -32.49 -23.91
C SER C 77 11.31 -33.72 -24.68
N SER C 78 11.28 -34.88 -24.03
CA SER C 78 10.95 -36.14 -24.67
C SER C 78 9.50 -36.48 -24.32
N LEU C 79 8.58 -35.98 -25.12
CA LEU C 79 7.17 -36.27 -24.91
C LEU C 79 6.93 -37.77 -24.98
N GLN C 80 6.10 -38.28 -24.08
CA GLN C 80 5.82 -39.70 -23.98
C GLN C 80 4.33 -39.92 -23.91
N PRO C 81 3.86 -41.14 -24.16
CA PRO C 81 2.41 -41.37 -24.18
C PRO C 81 1.70 -40.97 -22.89
N GLU C 82 2.34 -41.15 -21.74
CA GLU C 82 1.69 -40.79 -20.48
C GLU C 82 1.72 -39.29 -20.21
N ASP C 83 2.39 -38.51 -21.04
CA ASP C 83 2.42 -37.05 -20.90
C ASP C 83 1.34 -36.38 -21.74
N PHE C 84 0.11 -36.85 -21.62
CA PHE C 84 -1.02 -36.33 -22.38
C PHE C 84 -2.14 -36.04 -21.38
N ALA C 85 -2.19 -34.79 -20.92
CA ALA C 85 -3.15 -34.37 -19.91
C ALA C 85 -3.35 -32.87 -20.07
N THR C 86 -3.92 -32.23 -19.05
CA THR C 86 -4.12 -30.80 -19.03
C THR C 86 -3.16 -30.18 -18.03
N TYR C 87 -2.44 -29.13 -18.45
CA TYR C 87 -1.40 -28.51 -17.63
C TYR C 87 -1.86 -27.15 -17.12
N TYR C 88 -1.77 -26.94 -15.82
CA TYR C 88 -2.27 -25.75 -15.15
C TYR C 88 -1.16 -24.96 -14.49
N CYS C 89 -1.31 -23.65 -14.52
CA CYS C 89 -0.35 -22.69 -14.00
C CYS C 89 -0.98 -22.00 -12.80
N GLN C 90 -0.22 -21.87 -11.71
CA GLN C 90 -0.73 -21.28 -10.49
C GLN C 90 0.21 -20.22 -9.94
N GLN C 91 -0.37 -19.22 -9.30
CA GLN C 91 0.37 -18.21 -8.53
C GLN C 91 -0.08 -18.25 -7.08
N GLY C 92 0.86 -18.13 -6.16
CA GLY C 92 0.53 -18.15 -4.75
C GLY C 92 1.05 -16.95 -4.00
N ALA C 93 1.30 -15.86 -4.71
CA ALA C 93 1.86 -14.64 -4.12
C ALA C 93 0.80 -13.67 -3.61
N SER C 94 -0.48 -14.01 -3.71
CA SER C 94 -1.55 -13.16 -3.22
C SER C 94 -2.59 -14.03 -2.55
N GLU C 95 -3.68 -13.41 -2.10
CA GLU C 95 -4.66 -14.17 -1.36
C GLU C 95 -5.58 -14.94 -2.28
N PRO C 96 -6.26 -14.28 -3.21
CA PRO C 96 -7.03 -15.05 -4.20
C PRO C 96 -6.06 -15.80 -5.09
N ILE C 97 -5.89 -17.09 -4.80
CA ILE C 97 -4.93 -17.91 -5.54
C ILE C 97 -5.54 -18.24 -6.88
N THR C 98 -4.90 -17.80 -7.96
CA THR C 98 -5.45 -17.87 -9.31
C THR C 98 -4.71 -18.92 -10.12
N PHE C 99 -5.46 -19.76 -10.80
CA PHE C 99 -4.92 -20.78 -11.69
C PHE C 99 -4.84 -20.23 -13.11
N GLY C 100 -4.46 -21.08 -14.06
CA GLY C 100 -4.49 -20.74 -15.45
C GLY C 100 -5.63 -21.44 -16.16
N GLN C 101 -6.01 -20.89 -17.33
CA GLN C 101 -7.15 -21.40 -18.05
C GLN C 101 -6.95 -22.85 -18.51
N GLY C 102 -5.71 -23.30 -18.60
CA GLY C 102 -5.48 -24.69 -18.89
C GLY C 102 -4.96 -24.90 -20.30
N THR C 103 -4.25 -26.01 -20.50
CA THR C 103 -3.76 -26.44 -21.80
C THR C 103 -3.95 -27.94 -21.94
N LYS C 104 -4.43 -28.36 -23.11
CA LYS C 104 -4.70 -29.76 -23.39
C LYS C 104 -3.74 -30.24 -24.48
N VAL C 105 -3.02 -31.32 -24.20
CA VAL C 105 -2.04 -31.89 -25.13
C VAL C 105 -2.60 -33.20 -25.65
N GLU C 106 -2.87 -33.27 -26.95
CA GLU C 106 -3.46 -34.45 -27.55
C GLU C 106 -2.49 -35.07 -28.57
N ILE C 107 -2.92 -36.18 -29.15
CA ILE C 107 -2.09 -36.97 -30.06
C ILE C 107 -2.21 -36.41 -31.46
N LYS C 108 -1.08 -36.06 -32.07
CA LYS C 108 -1.06 -35.59 -33.44
C LYS C 108 -1.25 -36.75 -34.40
N ARG C 109 -1.96 -36.49 -35.50
CA ARG C 109 -2.21 -37.52 -36.49
C ARG C 109 -2.58 -36.85 -37.81
N THR C 110 -2.61 -37.65 -38.87
CA THR C 110 -2.95 -37.15 -40.19
C THR C 110 -4.41 -36.74 -40.25
N VAL C 111 -4.70 -35.71 -41.03
CA VAL C 111 -6.07 -35.22 -41.16
C VAL C 111 -6.94 -36.29 -41.79
N ALA C 112 -8.11 -36.53 -41.20
CA ALA C 112 -9.05 -37.54 -41.68
C ALA C 112 -10.36 -36.87 -42.07
N ALA C 113 -10.93 -37.30 -43.17
CA ALA C 113 -12.16 -36.70 -43.65
C ALA C 113 -13.33 -37.14 -42.77
N PRO C 114 -14.09 -36.21 -42.19
CA PRO C 114 -15.24 -36.60 -41.38
C PRO C 114 -16.30 -37.32 -42.22
N SER C 115 -16.99 -38.26 -41.59
CA SER C 115 -18.11 -38.95 -42.21
C SER C 115 -19.39 -38.56 -41.49
N VAL C 116 -20.37 -38.06 -42.25
CA VAL C 116 -21.57 -37.46 -41.66
C VAL C 116 -22.79 -38.30 -42.02
N PHE C 117 -23.76 -38.29 -41.11
CA PHE C 117 -25.04 -38.95 -41.32
C PHE C 117 -26.12 -38.14 -40.61
N ILE C 118 -27.35 -38.27 -41.08
CA ILE C 118 -28.49 -37.56 -40.52
C ILE C 118 -29.58 -38.58 -40.21
N PHE C 119 -30.20 -38.44 -39.03
CA PHE C 119 -31.23 -39.35 -38.59
C PHE C 119 -32.44 -38.57 -38.08
N PRO C 120 -33.65 -38.90 -38.52
CA PRO C 120 -34.83 -38.19 -38.05
C PRO C 120 -35.38 -38.81 -36.78
N PRO C 121 -36.40 -38.21 -36.18
CA PRO C 121 -36.96 -38.76 -34.95
C PRO C 121 -37.57 -40.14 -35.19
N SER C 122 -37.52 -40.97 -34.15
CA SER C 122 -38.04 -42.33 -34.24
C SER C 122 -39.57 -42.30 -34.28
N ASP C 123 -40.16 -43.49 -34.38
CA ASP C 123 -41.62 -43.60 -34.42
C ASP C 123 -42.24 -43.07 -33.13
N SER C 124 -41.65 -43.42 -31.98
CA SER C 124 -42.16 -42.97 -30.70
C SER C 124 -42.04 -41.47 -30.48
N GLN C 125 -41.21 -40.79 -31.28
CA GLN C 125 -41.08 -39.34 -31.16
C GLN C 125 -42.39 -38.62 -31.50
N LEU C 126 -43.27 -39.24 -32.27
CA LEU C 126 -44.51 -38.62 -32.70
C LEU C 126 -45.62 -38.74 -31.67
N LYS C 127 -45.39 -39.44 -30.56
CA LYS C 127 -46.39 -39.59 -29.52
C LYS C 127 -46.08 -38.80 -28.26
N SER C 128 -44.85 -38.31 -28.10
CA SER C 128 -44.46 -37.53 -26.94
C SER C 128 -44.72 -36.04 -27.12
N GLY C 129 -45.18 -35.62 -28.30
CA GLY C 129 -45.44 -34.22 -28.57
C GLY C 129 -44.27 -33.47 -29.17
N THR C 130 -43.08 -34.06 -29.21
CA THR C 130 -41.93 -33.41 -29.81
C THR C 130 -40.98 -34.48 -30.35
N ALA C 131 -40.16 -34.08 -31.31
CA ALA C 131 -39.24 -34.98 -31.98
C ALA C 131 -37.90 -34.30 -32.17
N SER C 132 -36.84 -35.09 -32.18
CA SER C 132 -35.48 -34.59 -32.28
C SER C 132 -34.78 -35.21 -33.48
N VAL C 133 -34.12 -34.36 -34.27
CA VAL C 133 -33.30 -34.79 -35.39
C VAL C 133 -31.84 -34.73 -34.97
N VAL C 134 -31.05 -35.70 -35.43
CA VAL C 134 -29.66 -35.86 -35.01
C VAL C 134 -28.75 -35.86 -36.24
N CYS C 135 -27.60 -35.21 -36.09
CA CYS C 135 -26.53 -35.26 -37.08
C CYS C 135 -25.31 -35.88 -36.41
N LEU C 136 -24.87 -37.02 -36.94
CA LEU C 136 -23.75 -37.77 -36.38
C LEU C 136 -22.56 -37.67 -37.30
N LEU C 137 -21.42 -37.23 -36.77
CA LEU C 137 -20.19 -37.11 -37.52
C LEU C 137 -19.12 -37.95 -36.83
N ASN C 138 -18.35 -38.70 -37.62
CA ASN C 138 -17.38 -39.62 -37.06
C ASN C 138 -16.05 -39.55 -37.80
N ASN C 139 -14.98 -39.87 -37.08
CA ASN C 139 -13.65 -40.09 -37.66
C ASN C 139 -13.16 -38.86 -38.42
N PHE C 140 -12.98 -37.77 -37.68
CA PHE C 140 -12.47 -36.55 -38.27
C PHE C 140 -11.39 -35.95 -37.39
N TYR C 141 -10.45 -35.26 -38.03
CA TYR C 141 -9.35 -34.56 -37.39
C TYR C 141 -9.09 -33.30 -38.18
N PRO C 142 -8.58 -32.23 -37.55
CA PRO C 142 -8.22 -32.12 -36.13
C PRO C 142 -9.42 -31.88 -35.22
N ARG C 143 -9.13 -31.35 -34.03
CA ARG C 143 -10.15 -31.16 -33.00
C ARG C 143 -11.29 -30.27 -33.50
N GLU C 144 -10.94 -29.10 -34.05
CA GLU C 144 -11.95 -28.12 -34.38
C GLU C 144 -12.76 -28.55 -35.60
N ALA C 145 -14.08 -28.41 -35.50
CA ALA C 145 -14.98 -28.72 -36.59
C ALA C 145 -16.16 -27.74 -36.53
N LYS C 146 -17.20 -28.03 -37.30
CA LYS C 146 -18.36 -27.15 -37.32
C LYS C 146 -19.56 -27.91 -37.85
N VAL C 147 -20.72 -27.66 -37.26
CA VAL C 147 -21.98 -28.26 -37.69
C VAL C 147 -23.05 -27.18 -37.69
N GLN C 148 -23.90 -27.17 -38.71
CA GLN C 148 -24.94 -26.16 -38.85
C GLN C 148 -26.27 -26.83 -39.15
N TRP C 149 -27.34 -26.22 -38.64
CA TRP C 149 -28.70 -26.71 -38.81
C TRP C 149 -29.53 -25.63 -39.51
N LYS C 150 -30.32 -26.04 -40.50
CA LYS C 150 -31.23 -25.12 -41.16
C LYS C 150 -32.38 -25.91 -41.76
N VAL C 151 -33.56 -25.30 -41.75
CA VAL C 151 -34.76 -25.90 -42.33
C VAL C 151 -35.19 -25.02 -43.49
N ASP C 152 -35.10 -25.54 -44.71
CA ASP C 152 -35.46 -24.81 -45.91
C ASP C 152 -34.71 -23.48 -45.98
N ASN C 153 -33.40 -23.54 -45.71
CA ASN C 153 -32.55 -22.35 -45.70
C ASN C 153 -32.97 -21.38 -44.59
N ALA C 154 -33.15 -21.91 -43.39
CA ALA C 154 -33.55 -21.14 -42.23
C ALA C 154 -32.45 -21.17 -41.18
N LEU C 155 -32.07 -20.00 -40.68
CA LEU C 155 -31.04 -19.92 -39.67
C LEU C 155 -31.56 -20.46 -38.33
N GLN C 156 -30.62 -20.86 -37.48
CA GLN C 156 -30.94 -21.41 -36.17
C GLN C 156 -30.03 -20.79 -35.12
N SER C 157 -30.52 -20.75 -33.89
CA SER C 157 -29.73 -20.22 -32.78
C SER C 157 -30.38 -20.58 -31.44
N GLY C 158 -29.60 -21.17 -30.54
CA GLY C 158 -30.07 -21.50 -29.22
C GLY C 158 -30.89 -22.78 -29.11
N ASN C 159 -30.94 -23.59 -30.15
CA ASN C 159 -31.69 -24.84 -30.12
C ASN C 159 -30.85 -26.07 -30.42
N SER C 160 -29.59 -25.91 -30.81
CA SER C 160 -28.73 -27.06 -31.11
C SER C 160 -27.99 -27.52 -29.87
N GLN C 161 -27.95 -28.84 -29.68
CA GLN C 161 -27.22 -29.46 -28.58
C GLN C 161 -26.06 -30.24 -29.15
N GLU C 162 -24.84 -29.96 -28.67
CA GLU C 162 -23.62 -30.53 -29.23
C GLU C 162 -22.94 -31.43 -28.21
N SER C 163 -22.57 -32.63 -28.64
CA SER C 163 -21.82 -33.57 -27.81
C SER C 163 -20.59 -34.01 -28.57
N VAL C 164 -19.43 -33.97 -27.91
CA VAL C 164 -18.16 -34.32 -28.53
C VAL C 164 -17.48 -35.37 -27.67
N THR C 165 -16.92 -36.38 -28.31
CA THR C 165 -16.25 -37.46 -27.59
C THR C 165 -14.76 -37.17 -27.47
N GLU C 166 -14.12 -37.82 -26.49
CA GLU C 166 -12.69 -37.70 -26.30
C GLU C 166 -11.95 -38.39 -27.45
N GLN C 167 -10.68 -38.03 -27.61
CA GLN C 167 -9.91 -38.57 -28.71
C GLN C 167 -9.91 -40.09 -28.66
N ASP C 168 -10.21 -40.72 -29.80
CA ASP C 168 -10.28 -42.16 -29.86
C ASP C 168 -8.92 -42.78 -29.55
N SER C 169 -8.92 -43.80 -28.69
CA SER C 169 -7.66 -44.41 -28.27
C SER C 169 -7.05 -45.27 -29.37
N LYS C 170 -7.81 -45.62 -30.40
CA LYS C 170 -7.32 -46.49 -31.46
C LYS C 170 -6.78 -45.68 -32.64
N ASP C 171 -7.63 -44.86 -33.24
CA ASP C 171 -7.24 -44.04 -34.39
C ASP C 171 -7.10 -42.56 -34.04
N SER C 172 -7.25 -42.19 -32.76
CA SER C 172 -7.05 -40.82 -32.31
C SER C 172 -7.91 -39.85 -33.11
N THR C 173 -9.17 -40.22 -33.29
CA THR C 173 -10.14 -39.43 -34.04
C THR C 173 -11.19 -38.84 -33.10
N TYR C 174 -12.16 -38.15 -33.67
CA TYR C 174 -13.22 -37.52 -32.92
C TYR C 174 -14.58 -37.83 -33.54
N SER C 175 -15.62 -37.70 -32.71
CA SER C 175 -16.99 -37.85 -33.16
C SER C 175 -17.84 -36.77 -32.51
N LEU C 176 -18.80 -36.25 -33.28
CA LEU C 176 -19.70 -35.21 -32.82
C LEU C 176 -21.14 -35.61 -33.07
N SER C 177 -22.03 -35.13 -32.21
CA SER C 177 -23.46 -35.37 -32.35
C SER C 177 -24.20 -34.07 -32.10
N SER C 178 -25.00 -33.64 -33.06
CA SER C 178 -25.82 -32.45 -32.95
C SER C 178 -27.29 -32.85 -32.88
N THR C 179 -28.02 -32.26 -31.97
CA THR C 179 -29.43 -32.57 -31.75
C THR C 179 -30.26 -31.30 -31.86
N LEU C 180 -31.37 -31.40 -32.61
CA LEU C 180 -32.32 -30.30 -32.75
C LEU C 180 -33.71 -30.84 -32.46
N THR C 181 -34.34 -30.31 -31.41
CA THR C 181 -35.64 -30.79 -30.95
C THR C 181 -36.71 -29.75 -31.26
N LEU C 182 -37.83 -30.22 -31.81
CA LEU C 182 -38.96 -29.36 -32.16
C LEU C 182 -40.25 -30.00 -31.69
N SER C 183 -41.17 -29.17 -31.20
CA SER C 183 -42.44 -29.67 -30.69
C SER C 183 -43.33 -30.16 -31.83
N LYS C 184 -44.38 -30.89 -31.45
CA LYS C 184 -45.31 -31.42 -32.46
C LYS C 184 -45.97 -30.29 -33.25
N ALA C 185 -46.35 -29.21 -32.56
CA ALA C 185 -46.96 -28.08 -33.25
C ALA C 185 -46.00 -27.51 -34.30
N ASP C 186 -44.73 -27.36 -33.94
CA ASP C 186 -43.71 -26.94 -34.89
C ASP C 186 -43.12 -28.11 -35.68
N TYR C 187 -43.42 -29.35 -35.27
CA TYR C 187 -42.90 -30.50 -36.00
C TYR C 187 -43.61 -30.68 -37.33
N GLU C 188 -44.85 -30.22 -37.44
CA GLU C 188 -45.63 -30.34 -38.67
C GLU C 188 -45.32 -29.25 -39.69
N LYS C 189 -44.21 -28.56 -39.54
CA LYS C 189 -43.79 -27.53 -40.48
C LYS C 189 -43.17 -28.19 -41.71
N HIS C 190 -42.48 -27.40 -42.52
CA HIS C 190 -41.83 -27.88 -43.74
C HIS C 190 -41.18 -29.23 -43.51
N LYS C 191 -41.49 -30.18 -44.39
CA LYS C 191 -41.04 -31.56 -44.25
C LYS C 191 -39.59 -31.77 -44.65
N VAL C 192 -38.92 -30.76 -45.21
CA VAL C 192 -37.53 -30.87 -45.62
C VAL C 192 -36.66 -30.23 -44.55
N TYR C 193 -35.70 -31.00 -44.03
CA TYR C 193 -34.76 -30.54 -43.02
C TYR C 193 -33.33 -30.82 -43.50
N ALA C 194 -32.47 -29.83 -43.37
CA ALA C 194 -31.09 -29.92 -43.85
C ALA C 194 -30.12 -29.75 -42.69
N CYS C 195 -28.92 -30.32 -42.87
CA CYS C 195 -27.86 -30.29 -41.87
C CYS C 195 -26.54 -30.08 -42.59
N GLU C 196 -25.87 -28.96 -42.31
CA GLU C 196 -24.64 -28.59 -43.00
C GLU C 196 -23.48 -28.60 -42.02
N VAL C 197 -22.36 -29.20 -42.45
CA VAL C 197 -21.15 -29.29 -41.64
C VAL C 197 -20.00 -28.70 -42.43
N THR C 198 -19.25 -27.79 -41.80
CA THR C 198 -18.07 -27.19 -42.40
C THR C 198 -16.84 -27.67 -41.63
N HIS C 199 -15.88 -28.25 -42.35
CA HIS C 199 -14.69 -28.80 -41.74
C HIS C 199 -13.46 -28.27 -42.46
N GLN C 200 -12.39 -28.02 -41.70
CA GLN C 200 -11.17 -27.49 -42.29
C GLN C 200 -10.61 -28.43 -43.34
N GLY C 201 -10.83 -29.73 -43.19
CA GLY C 201 -10.42 -30.70 -44.18
C GLY C 201 -11.38 -30.89 -45.34
N LEU C 202 -12.48 -30.13 -45.36
CA LEU C 202 -13.47 -30.21 -46.43
C LEU C 202 -13.76 -28.80 -46.93
N SER C 203 -13.27 -28.47 -48.13
CA SER C 203 -13.46 -27.12 -48.65
C SER C 203 -14.93 -26.80 -48.87
N SER C 204 -15.68 -27.74 -49.45
CA SER C 204 -17.11 -27.56 -49.67
C SER C 204 -17.87 -28.14 -48.49
N PRO C 205 -18.71 -27.35 -47.81
CA PRO C 205 -19.47 -27.91 -46.68
C PRO C 205 -20.31 -29.09 -47.12
N VAL C 206 -20.39 -30.09 -46.25
CA VAL C 206 -21.16 -31.31 -46.53
C VAL C 206 -22.56 -31.11 -45.98
N THR C 207 -23.56 -31.23 -46.86
CA THR C 207 -24.95 -31.02 -46.50
C THR C 207 -25.73 -32.31 -46.69
N LYS C 208 -26.49 -32.69 -45.67
CA LYS C 208 -27.37 -33.85 -45.72
C LYS C 208 -28.80 -33.39 -45.47
N SER C 209 -29.71 -33.75 -46.36
CA SER C 209 -31.11 -33.31 -46.28
C SER C 209 -32.03 -34.51 -46.27
N PHE C 210 -33.16 -34.36 -45.57
CA PHE C 210 -34.17 -35.40 -45.52
C PHE C 210 -35.55 -34.76 -45.61
N ASN C 211 -36.54 -35.59 -45.97
CA ASN C 211 -37.92 -35.15 -46.13
C ASN C 211 -38.78 -35.75 -45.02
N ARG C 212 -39.71 -34.94 -44.52
CA ARG C 212 -40.60 -35.38 -43.44
C ARG C 212 -41.88 -35.99 -44.02
N TYR D 23 -5.13 28.21 -17.09
CA TYR D 23 -5.55 27.69 -15.79
C TYR D 23 -4.46 26.88 -15.11
N SER D 24 -3.58 26.28 -15.90
CA SER D 24 -2.46 25.55 -15.28
C SER D 24 -1.52 26.50 -14.56
N GLN D 25 -1.48 27.76 -14.98
CA GLN D 25 -0.63 28.76 -14.36
C GLN D 25 -1.38 29.75 -13.51
N THR D 26 -2.65 30.04 -13.82
CA THR D 26 -3.42 30.93 -12.96
C THR D 26 -3.67 30.31 -11.60
N TRP D 27 -3.72 28.99 -11.52
CA TRP D 27 -3.86 28.33 -10.23
C TRP D 27 -2.59 28.50 -9.38
N LEU D 28 -1.44 28.22 -9.97
CA LEU D 28 -0.19 28.29 -9.21
C LEU D 28 0.10 29.70 -8.74
N ALA D 29 -0.11 30.69 -9.62
CA ALA D 29 0.13 32.07 -9.22
C ALA D 29 -0.79 32.47 -8.08
N SER D 30 -2.06 32.10 -8.15
CA SER D 30 -2.97 32.44 -7.07
C SER D 30 -2.57 31.76 -5.77
N VAL D 31 -2.13 30.51 -5.83
CA VAL D 31 -1.72 29.81 -4.61
C VAL D 31 -0.53 30.50 -3.98
N VAL D 32 0.48 30.84 -4.78
CA VAL D 32 1.66 31.48 -4.22
C VAL D 32 1.30 32.85 -3.63
N ILE D 33 0.50 33.63 -4.35
CA ILE D 33 0.14 34.96 -3.87
C ILE D 33 -0.63 34.87 -2.56
N ILE D 34 -1.58 33.95 -2.48
CA ILE D 34 -2.35 33.82 -1.25
C ILE D 34 -1.46 33.38 -0.10
N GLY D 35 -0.48 32.53 -0.38
CA GLY D 35 0.45 32.14 0.68
C GLY D 35 1.21 33.33 1.24
N LEU D 36 1.74 34.17 0.36
CA LEU D 36 2.45 35.36 0.82
C LEU D 36 1.52 36.29 1.60
N LEU D 37 0.29 36.46 1.13
CA LEU D 37 -0.64 37.36 1.82
C LEU D 37 -1.00 36.86 3.20
N VAL D 38 -1.24 35.56 3.35
CA VAL D 38 -1.56 35.04 4.68
C VAL D 38 -0.36 35.17 5.59
N GLY D 39 0.86 34.98 5.06
CA GLY D 39 2.03 35.19 5.89
C GLY D 39 2.14 36.62 6.40
N TYR D 40 1.91 37.59 5.52
CA TYR D 40 1.98 38.99 5.93
C TYR D 40 0.90 39.33 6.96
N ILE D 41 -0.31 38.82 6.77
CA ILE D 41 -1.38 39.08 7.74
C ILE D 41 -1.01 38.49 9.10
N ASN D 42 -0.42 37.30 9.12
CA ASN D 42 0.00 36.71 10.40
C ASN D 42 1.08 37.54 11.07
N TYR D 43 2.03 38.06 10.29
CA TYR D 43 3.07 38.91 10.87
C TYR D 43 2.47 40.15 11.50
N GLN D 44 1.54 40.80 10.81
CA GLN D 44 0.87 41.97 11.37
C GLN D 44 0.09 41.63 12.63
N HIS D 45 -0.59 40.49 12.64
CA HIS D 45 -1.36 40.11 13.82
C HIS D 45 -0.45 39.90 15.03
N VAL D 46 0.64 39.17 14.86
CA VAL D 46 1.53 38.93 16.00
C VAL D 46 2.11 40.25 16.48
N TYR D 47 2.50 41.12 15.57
CA TYR D 47 3.13 42.37 15.96
C TYR D 47 2.14 43.26 16.73
N THR D 48 0.88 43.30 16.28
CA THR D 48 -0.15 44.04 17.00
C THR D 48 -0.42 43.46 18.38
N LEU D 49 -0.50 42.13 18.49
CA LEU D 49 -0.73 41.52 19.80
C LEU D 49 0.41 41.84 20.76
N PHE D 50 1.65 41.81 20.27
CA PHE D 50 2.80 42.17 21.08
C PHE D 50 2.71 43.60 21.55
N GLU D 51 2.34 44.53 20.66
CA GLU D 51 2.20 45.92 21.10
C GLU D 51 1.14 46.06 22.18
N ASN D 52 0.00 45.37 22.02
CA ASN D 52 -1.05 45.48 23.02
C ASN D 52 -0.60 44.91 24.37
N ASP D 53 0.19 43.85 24.35
CA ASP D 53 0.53 43.15 25.58
C ASP D 53 1.55 43.92 26.42
N LYS D 54 2.57 44.49 25.79
CA LYS D 54 3.70 45.04 26.54
C LYS D 54 3.82 46.55 26.49
N HIS D 55 3.37 47.19 25.41
CA HIS D 55 3.49 48.64 25.25
C HIS D 55 4.95 49.07 25.06
N PHE D 56 5.67 48.41 24.18
CA PHE D 56 7.03 48.88 23.95
C PHE D 56 7.08 50.29 23.38
N SER D 57 5.96 50.82 22.89
CA SER D 57 5.99 52.14 22.27
C SER D 57 6.46 53.21 23.25
N HIS D 58 6.00 53.14 24.49
CA HIS D 58 6.29 54.15 25.51
C HIS D 58 7.05 53.56 26.68
N LEU D 59 8.11 52.80 26.40
CA LEU D 59 8.99 52.26 27.41
C LEU D 59 10.42 52.67 27.11
N ALA D 60 11.18 53.00 28.14
CA ALA D 60 12.59 53.31 27.95
C ALA D 60 13.38 52.04 27.68
N ASP D 61 14.48 52.19 26.95
CA ASP D 61 15.24 51.04 26.49
C ASP D 61 15.68 50.14 27.65
N PHE D 62 15.67 50.64 28.88
CA PHE D 62 15.96 49.82 30.04
C PHE D 62 14.70 49.20 30.65
N GLU D 63 13.51 49.60 30.19
CA GLU D 63 12.29 49.01 30.70
C GLU D 63 11.82 47.84 29.84
N ARG D 64 12.18 47.86 28.56
CA ARG D 64 11.94 46.71 27.70
C ARG D 64 12.76 45.50 28.14
N GLU D 65 14.01 45.73 28.54
CA GLU D 65 14.83 44.66 29.08
C GLU D 65 14.17 44.05 30.32
N MET D 66 13.63 44.89 31.19
CA MET D 66 12.88 44.39 32.34
C MET D 66 11.62 43.66 31.91
N ALA D 67 11.05 44.04 30.75
CA ALA D 67 9.91 43.31 30.21
C ALA D 67 10.28 41.89 29.82
N TYR D 68 11.46 41.71 29.21
CA TYR D 68 11.93 40.36 28.89
C TYR D 68 12.12 39.55 30.18
N ARG D 69 11.29 38.57 30.42
CA ARG D 69 11.37 37.89 31.73
C ARG D 69 12.53 36.92 31.88
N THR D 70 12.29 35.71 32.40
CA THR D 70 13.45 34.88 32.85
C THR D 70 14.52 34.34 31.92
N GLU D 71 14.21 33.75 30.78
CA GLU D 71 15.36 33.30 29.94
C GLU D 71 15.35 34.13 28.68
N MET D 72 14.31 34.89 28.45
CA MET D 72 14.30 35.82 27.33
C MET D 72 15.37 36.86 27.60
N GLY D 73 15.58 37.30 28.83
CA GLY D 73 16.68 38.20 29.22
C GLY D 73 18.04 37.58 29.03
N LEU D 74 18.23 36.30 29.32
CA LEU D 74 19.51 35.59 29.10
C LEU D 74 19.85 35.57 27.63
N TYR D 75 18.90 35.38 26.74
CA TYR D 75 19.13 35.27 25.30
C TYR D 75 19.31 36.64 24.70
N TYR D 76 18.62 37.68 25.18
CA TYR D 76 18.83 38.98 24.59
C TYR D 76 20.09 39.66 25.08
N SER D 77 20.61 39.29 26.25
CA SER D 77 21.80 39.95 26.77
C SER D 77 23.03 39.67 25.93
N TYR D 78 23.09 38.50 25.27
CA TYR D 78 24.24 38.23 24.40
C TYR D 78 24.14 38.98 23.08
N TYR D 79 22.92 39.18 22.57
CA TYR D 79 22.74 40.07 21.44
C TYR D 79 23.20 41.48 21.80
N LYS D 80 22.82 41.96 22.98
CA LYS D 80 23.25 43.27 23.44
C LYS D 80 24.76 43.33 23.61
N THR D 81 25.37 42.25 24.09
CA THR D 81 26.82 42.20 24.22
C THR D 81 27.50 42.32 22.87
N ILE D 82 27.00 41.60 21.86
CA ILE D 82 27.66 41.58 20.57
C ILE D 82 27.51 42.92 19.86
N ILE D 83 26.33 43.54 19.95
CA ILE D 83 26.15 44.82 19.24
C ILE D 83 26.95 45.93 19.91
N ASN D 84 27.03 45.93 21.24
CA ASN D 84 27.76 46.98 21.95
C ASN D 84 29.27 46.82 21.86
N ALA D 85 29.78 45.64 21.52
CA ALA D 85 31.21 45.41 21.50
C ALA D 85 31.87 46.23 20.38
N PRO D 86 33.18 46.48 20.49
CA PRO D 86 33.84 47.33 19.50
C PRO D 86 33.87 46.74 18.10
N SER D 87 33.86 45.41 17.97
CA SER D 87 33.83 44.77 16.67
C SER D 87 33.07 43.46 16.79
N PHE D 88 32.58 42.97 15.65
CA PHE D 88 31.82 41.73 15.66
C PHE D 88 32.69 40.57 16.14
N LEU D 89 33.92 40.49 15.65
CA LEU D 89 34.77 39.37 16.01
C LEU D 89 35.09 39.37 17.49
N GLU D 90 35.42 40.53 18.06
CA GLU D 90 35.76 40.57 19.47
C GLU D 90 34.54 40.26 20.34
N GLY D 91 33.36 40.72 19.92
CA GLY D 91 32.15 40.39 20.67
C GLY D 91 31.83 38.91 20.64
N VAL D 92 31.95 38.28 19.47
CA VAL D 92 31.69 36.84 19.40
C VAL D 92 32.74 36.08 20.17
N GLN D 93 33.98 36.55 20.16
CA GLN D 93 35.02 35.90 20.95
C GLN D 93 34.71 36.00 22.44
N GLU D 94 34.21 37.15 22.88
CA GLU D 94 33.81 37.29 24.28
C GLU D 94 32.66 36.35 24.62
N ILE D 95 31.74 36.15 23.68
CA ILE D 95 30.63 35.24 23.91
C ILE D 95 31.09 33.79 24.02
N THR D 96 31.99 33.37 23.12
CA THR D 96 32.44 31.98 23.15
C THR D 96 33.38 31.69 24.32
N HIS D 97 34.01 32.70 24.89
CA HIS D 97 34.88 32.56 26.05
C HIS D 97 34.27 33.24 27.26
N ASP D 98 32.97 33.06 27.45
CA ASP D 98 32.24 33.79 28.48
C ASP D 98 32.62 33.28 29.86
N THR D 99 32.86 34.22 30.78
CA THR D 99 33.28 33.88 32.13
C THR D 99 32.44 34.56 33.20
N VAL D 100 31.33 35.18 32.83
CA VAL D 100 30.46 35.88 33.79
C VAL D 100 29.08 35.25 33.91
N THR D 101 28.64 34.46 32.93
CA THR D 101 27.36 33.78 33.05
C THR D 101 27.38 32.75 34.17
N GLU D 102 28.46 31.99 34.30
CA GLU D 102 28.64 31.04 35.39
C GLU D 102 30.01 31.32 35.99
N HIS D 103 30.04 32.10 37.07
CA HIS D 103 31.30 32.50 37.68
C HIS D 103 32.06 31.28 38.18
N GLY D 104 33.36 31.27 37.93
CA GLY D 104 34.22 30.17 38.28
C GLY D 104 34.62 29.28 37.11
N HIS D 105 33.91 29.35 35.99
CA HIS D 105 34.23 28.60 34.80
C HIS D 105 34.24 29.52 33.59
N GLU D 106 35.02 29.14 32.59
CA GLU D 106 34.92 29.71 31.25
C GLU D 106 34.12 28.74 30.40
N ILE D 107 33.00 29.21 29.86
CA ILE D 107 32.08 28.36 29.12
C ILE D 107 31.86 28.94 27.73
N ASN D 108 31.47 28.07 26.81
CA ASN D 108 31.07 28.46 25.46
C ASN D 108 29.55 28.59 25.46
N THR D 109 29.07 29.82 25.36
CA THR D 109 27.64 30.11 25.45
C THR D 109 26.95 30.04 24.09
N LEU D 110 27.69 29.78 23.01
CA LEU D 110 27.07 29.69 21.69
C LEU D 110 26.41 28.35 21.47
N ASN D 111 27.14 27.26 21.71
CA ASN D 111 26.57 25.93 21.57
C ASN D 111 25.90 25.44 22.84
N ARG D 112 26.01 26.18 23.93
CA ARG D 112 25.41 25.83 25.20
C ARG D 112 24.00 26.37 25.34
N PHE D 113 23.77 27.59 24.86
CA PHE D 113 22.46 28.22 24.88
C PHE D 113 21.83 28.32 23.50
N ASN D 114 22.55 27.93 22.45
CA ASN D 114 22.08 28.01 21.08
C ASN D 114 21.80 29.46 20.69
N LEU D 115 22.86 30.28 20.75
CA LEU D 115 22.78 31.70 20.46
C LEU D 115 23.14 32.03 19.02
N TYR D 116 22.66 31.24 18.07
CA TYR D 116 22.96 31.52 16.68
C TYR D 116 22.05 32.63 16.13
N PRO D 117 20.78 32.68 16.53
CA PRO D 117 19.95 33.83 16.11
C PRO D 117 20.52 35.16 16.58
N GLU D 118 21.05 35.22 17.80
CA GLU D 118 21.64 36.45 18.30
C GLU D 118 22.88 36.83 17.51
N VAL D 119 23.70 35.86 17.15
CA VAL D 119 24.90 36.14 16.35
C VAL D 119 24.51 36.67 14.98
N ILE D 120 23.55 36.04 14.32
CA ILE D 120 23.13 36.49 13.00
C ILE D 120 22.51 37.89 13.06
N LEU D 121 21.61 38.11 14.02
CA LEU D 121 20.96 39.42 14.13
C LEU D 121 21.96 40.51 14.46
N ALA D 122 22.90 40.25 15.36
CA ALA D 122 23.91 41.25 15.69
C ALA D 122 24.82 41.53 14.50
N PHE D 123 25.18 40.48 13.75
CA PHE D 123 25.97 40.66 12.55
C PHE D 123 25.26 41.54 11.54
N LEU D 124 23.95 41.36 11.39
CA LEU D 124 23.22 42.20 10.44
C LEU D 124 23.00 43.60 10.97
N TYR D 125 22.87 43.76 12.29
CA TYR D 125 22.58 45.06 12.85
C TYR D 125 23.78 45.99 12.79
N ARG D 126 24.96 45.49 13.15
CA ARG D 126 26.12 46.39 13.25
C ARG D 126 26.40 47.11 11.93
N PRO D 127 26.56 46.43 10.80
CA PRO D 127 26.75 47.16 9.53
C PRO D 127 25.56 48.03 9.15
N PHE D 128 24.34 47.58 9.45
CA PHE D 128 23.16 48.36 9.10
C PHE D 128 23.15 49.69 9.85
N ARG D 129 23.34 49.64 11.17
CA ARG D 129 23.40 50.86 11.95
C ARG D 129 24.55 51.75 11.52
N ALA D 130 25.72 51.13 11.25
CA ALA D 130 26.87 51.93 10.83
C ALA D 130 26.59 52.65 9.53
N PHE D 131 25.93 51.99 8.57
CA PHE D 131 25.58 52.62 7.31
C PHE D 131 24.54 53.72 7.51
N ALA D 132 23.53 53.45 8.32
CA ALA D 132 22.47 54.44 8.55
C ALA D 132 23.04 55.70 9.19
N LYS D 133 23.91 55.54 10.18
CA LYS D 133 24.46 56.70 10.88
C LYS D 133 25.23 57.61 9.94
N SER D 134 26.10 57.02 9.10
CA SER D 134 26.89 57.82 8.18
C SER D 134 26.05 58.40 7.06
N ALA D 135 25.06 57.63 6.57
CA ALA D 135 24.27 58.06 5.43
C ALA D 135 23.31 59.20 5.76
N ASN D 136 23.17 59.55 7.03
CA ASN D 136 22.28 60.61 7.51
C ASN D 136 20.83 60.13 7.56
N TRP D 137 20.59 58.83 7.46
CA TRP D 137 19.24 58.30 7.54
C TRP D 137 18.76 58.28 8.99
N GLN D 138 17.57 58.82 9.23
CA GLN D 138 17.00 58.89 10.57
C GLN D 138 15.99 57.77 10.77
N ILE D 139 16.53 56.57 11.02
CA ILE D 139 15.67 55.41 11.24
C ILE D 139 15.15 55.30 12.66
N GLU D 140 15.73 56.05 13.60
CA GLU D 140 15.29 56.05 14.98
C GLU D 140 14.90 57.47 15.38
N LEU D 141 13.64 57.64 15.77
CA LEU D 141 13.13 58.93 16.24
C LEU D 141 12.42 58.72 17.56
N CYS D 142 12.75 59.53 18.56
CA CYS D 142 12.16 59.34 19.87
C CYS D 142 12.16 60.67 20.63
N TRP D 143 11.34 60.70 21.68
CA TRP D 143 11.07 61.91 22.44
C TRP D 143 10.94 61.57 23.91
N GLN D 144 11.16 62.56 24.76
CA GLN D 144 11.07 62.35 26.20
C GLN D 144 9.65 61.95 26.60
N VAL D 145 9.55 60.90 27.41
CA VAL D 145 8.27 60.43 27.92
C VAL D 145 8.32 60.52 29.44
N ASN D 146 7.29 61.11 30.03
CA ASN D 146 7.24 61.35 31.46
C ASN D 146 6.44 60.24 32.13
N ARG D 147 7.08 59.56 33.08
CA ARG D 147 6.44 58.45 33.80
C ARG D 147 5.64 58.92 35.00
N GLY D 148 5.73 60.19 35.38
CA GLY D 148 4.98 60.70 36.50
C GLY D 148 5.79 60.77 37.78
N GLU D 149 5.47 59.90 38.74
CA GLU D 149 6.18 59.93 40.02
C GLU D 149 7.67 59.64 39.83
N LEU D 150 7.99 58.65 39.00
CA LEU D 150 9.38 58.29 38.76
C LEU D 150 10.01 59.28 37.78
N ARG D 151 11.33 59.23 37.70
CA ARG D 151 12.04 60.15 36.84
C ARG D 151 11.65 59.95 35.39
N PRO D 152 11.44 61.02 34.63
CA PRO D 152 11.08 60.86 33.22
C PRO D 152 12.18 60.15 32.44
N VAL D 153 11.76 59.36 31.45
CA VAL D 153 12.70 58.59 30.65
C VAL D 153 12.55 58.97 29.18
N GLU D 154 13.31 58.30 28.31
CA GLU D 154 13.24 58.53 26.87
C GLU D 154 13.00 57.20 26.18
N SER D 155 11.88 57.08 25.47
CA SER D 155 11.53 55.87 24.74
C SER D 155 11.73 56.12 23.25
N CYS D 156 12.46 55.23 22.59
CA CYS D 156 12.79 55.39 21.18
C CYS D 156 12.11 54.31 20.35
N GLU D 157 11.78 54.67 19.12
CA GLU D 157 11.15 53.77 18.16
C GLU D 157 11.84 53.88 16.82
N GLY D 158 11.61 52.90 15.96
CA GLY D 158 12.24 52.81 14.67
C GLY D 158 13.04 51.53 14.52
N ILE D 159 13.43 51.27 13.27
CA ILE D 159 14.19 50.06 13.00
C ILE D 159 15.58 50.12 13.65
N GLY D 160 16.19 51.31 13.68
CA GLY D 160 17.52 51.46 14.26
C GLY D 160 17.59 51.12 15.73
N ASN D 161 16.45 51.08 16.41
CA ASN D 161 16.43 50.68 17.81
C ASN D 161 16.77 49.20 17.92
N PRO D 162 17.67 48.79 18.82
CA PRO D 162 18.02 47.37 18.90
C PRO D 162 16.82 46.47 19.16
N HIS D 163 15.91 46.89 20.03
CA HIS D 163 14.78 46.03 20.38
C HIS D 163 13.87 45.81 19.17
N TYR D 164 13.58 46.85 18.41
CA TYR D 164 12.79 46.68 17.19
C TYR D 164 13.51 45.91 16.11
N PHE D 165 14.83 46.01 16.00
CA PHE D 165 15.52 45.16 15.03
C PHE D 165 15.37 43.69 15.42
N TYR D 166 15.61 43.37 16.69
CA TYR D 166 15.45 41.99 17.16
C TYR D 166 14.03 41.50 16.95
N ILE D 167 13.04 42.30 17.37
CA ILE D 167 11.64 41.88 17.32
C ILE D 167 11.15 41.78 15.89
N THR D 168 11.57 42.70 15.02
CA THR D 168 11.18 42.59 13.63
C THR D 168 11.76 41.34 13.00
N GLY D 169 13.00 40.98 13.32
CA GLY D 169 13.54 39.73 12.81
C GLY D 169 12.73 38.53 13.27
N VAL D 170 12.43 38.48 14.57
CA VAL D 170 11.69 37.35 15.12
C VAL D 170 10.30 37.24 14.48
N PHE D 171 9.61 38.36 14.34
CA PHE D 171 8.25 38.34 13.83
C PHE D 171 8.20 38.13 12.33
N ILE D 172 9.19 38.62 11.59
CA ILE D 172 9.28 38.31 10.17
C ILE D 172 9.46 36.82 9.96
N VAL D 173 10.30 36.18 10.78
CA VAL D 173 10.49 34.74 10.63
C VAL D 173 9.25 33.97 11.07
N ALA D 174 8.57 34.44 12.11
CA ALA D 174 7.40 33.73 12.62
C ALA D 174 6.10 34.05 11.88
N GLY D 175 6.13 35.00 10.95
CA GLY D 175 4.97 35.22 10.10
C GLY D 175 4.86 34.30 8.91
N THR D 176 5.87 33.49 8.65
CA THR D 176 5.83 32.51 7.57
C THR D 176 5.25 31.17 8.02
N VAL D 177 4.90 31.02 9.28
CA VAL D 177 4.22 29.80 9.72
C VAL D 177 2.85 29.70 9.06
N ALA D 178 2.17 30.83 8.89
CA ALA D 178 0.89 30.82 8.20
C ALA D 178 1.05 30.40 6.74
N SER D 179 2.08 30.89 6.07
CA SER D 179 2.32 30.49 4.69
C SER D 179 2.63 29.00 4.60
N SER D 180 3.46 28.48 5.50
CA SER D 180 3.78 27.06 5.47
C SER D 180 2.54 26.21 5.72
N ILE D 181 1.65 26.65 6.62
CA ILE D 181 0.43 25.90 6.88
C ILE D 181 -0.53 25.98 5.70
N PHE D 182 -0.62 27.12 5.03
CA PHE D 182 -1.45 27.20 3.83
C PHE D 182 -0.94 26.26 2.75
N TYR D 183 0.37 26.26 2.52
CA TYR D 183 0.93 25.39 1.49
C TYR D 183 0.77 23.92 1.83
N LEU D 184 0.94 23.55 3.10
CA LEU D 184 0.70 22.17 3.50
C LEU D 184 -0.74 21.78 3.33
N GLY D 185 -1.67 22.69 3.60
CA GLY D 185 -3.06 22.39 3.36
C GLY D 185 -3.36 22.17 1.89
N VAL D 186 -2.74 22.96 1.02
CA VAL D 186 -2.93 22.79 -0.41
C VAL D 186 -2.32 21.49 -0.91
N LEU D 187 -1.18 21.09 -0.36
CA LEU D 187 -0.55 19.85 -0.81
C LEU D 187 -1.34 18.63 -0.37
N VAL D 188 -1.71 18.57 0.91
CA VAL D 188 -2.34 17.37 1.46
C VAL D 188 -3.79 17.23 1.02
N SER D 189 -4.35 18.21 0.33
CA SER D 189 -5.70 18.12 -0.22
C SER D 189 -5.76 18.38 -1.71
N ASP D 190 -4.83 19.13 -2.28
CA ASP D 190 -4.72 19.32 -3.70
C ASP D 190 -5.84 20.22 -4.24
N SER D 191 -6.28 21.16 -3.42
CA SER D 191 -7.23 22.19 -3.83
C SER D 191 -7.11 23.36 -2.88
N ILE D 192 -7.32 24.56 -3.41
CA ILE D 192 -7.13 25.78 -2.62
C ILE D 192 -8.05 25.80 -1.42
N PHE D 193 -9.25 25.26 -1.54
CA PHE D 193 -10.17 25.26 -0.40
C PHE D 193 -9.55 24.58 0.81
N GLY D 194 -8.70 23.57 0.59
CA GLY D 194 -8.02 22.95 1.71
C GLY D 194 -7.04 23.89 2.38
N GLY D 195 -6.29 24.66 1.59
CA GLY D 195 -5.40 25.65 2.18
C GLY D 195 -6.17 26.68 2.97
N PHE D 196 -7.32 27.11 2.47
CA PHE D 196 -8.17 28.04 3.21
C PHE D 196 -8.66 27.42 4.50
N LEU D 197 -9.06 26.16 4.48
CA LEU D 197 -9.47 25.49 5.71
C LEU D 197 -8.33 25.46 6.72
N SER D 198 -7.11 25.18 6.27
CA SER D 198 -5.99 25.09 7.21
C SER D 198 -5.62 26.44 7.79
N VAL D 199 -5.49 27.49 6.97
CA VAL D 199 -5.16 28.78 7.57
C VAL D 199 -6.31 29.35 8.38
N LEU D 200 -7.55 29.05 8.03
CA LEU D 200 -8.66 29.51 8.87
C LEU D 200 -8.71 28.76 10.19
N CYS D 201 -8.32 27.48 10.20
CA CYS D 201 -8.20 26.78 11.47
C CYS D 201 -7.06 27.32 12.30
N PHE D 202 -5.98 27.77 11.66
CA PHE D 202 -4.88 28.40 12.38
C PHE D 202 -5.27 29.76 12.93
N ALA D 203 -6.00 30.55 12.15
CA ALA D 203 -6.35 31.90 12.57
C ALA D 203 -7.24 31.89 13.81
N PHE D 204 -8.20 30.98 13.85
CA PHE D 204 -9.17 30.94 14.94
C PHE D 204 -8.65 30.24 16.19
N ASN D 205 -7.56 29.49 16.09
CA ASN D 205 -6.90 28.86 17.23
C ASN D 205 -5.48 29.36 17.35
N HIS D 206 -5.28 30.65 17.09
CA HIS D 206 -3.95 31.25 17.18
C HIS D 206 -3.44 31.25 18.61
N GLY D 207 -4.33 31.48 19.58
CA GLY D 207 -3.89 31.53 20.97
C GLY D 207 -3.39 30.19 21.47
N GLU D 208 -3.98 29.10 21.01
CA GLU D 208 -3.64 27.76 21.48
C GLU D 208 -2.57 27.09 20.64
N ALA D 209 -2.05 27.78 19.62
CA ALA D 209 -1.07 27.20 18.72
C ALA D 209 0.30 27.82 18.82
N THR D 210 0.39 29.04 19.34
CA THR D 210 1.65 29.78 19.38
C THR D 210 1.58 30.77 20.53
N ARG D 211 2.77 31.18 21.00
CA ARG D 211 2.86 32.21 22.03
C ARG D 211 4.01 33.17 21.75
N VAL D 212 4.45 33.29 20.50
CA VAL D 212 5.55 34.17 20.16
C VAL D 212 5.20 35.62 20.40
N GLN D 213 3.92 35.98 20.34
CA GLN D 213 3.57 37.39 20.48
C GLN D 213 3.87 37.92 21.88
N TRP D 214 3.99 37.05 22.87
CA TRP D 214 4.39 37.45 24.22
C TRP D 214 5.88 37.29 24.46
N THR D 215 6.49 36.30 23.82
CA THR D 215 7.82 35.80 24.18
C THR D 215 8.69 35.72 22.93
N PRO D 216 9.07 36.84 22.36
CA PRO D 216 9.86 36.81 21.13
C PRO D 216 11.16 36.06 21.31
N PRO D 217 11.99 36.40 22.31
CA PRO D 217 13.35 35.85 22.37
C PRO D 217 13.44 34.35 22.60
N LEU D 218 12.36 33.63 22.91
CA LEU D 218 12.46 32.19 23.23
C LEU D 218 12.99 31.49 22.00
N ARG D 219 13.56 30.31 22.14
CA ARG D 219 14.24 29.59 21.07
C ARG D 219 13.28 28.96 20.08
N GLU D 220 12.11 28.52 20.54
CA GLU D 220 11.14 27.91 19.64
C GLU D 220 10.60 28.91 18.63
N SER D 221 10.61 30.20 18.97
CA SER D 221 10.16 31.24 18.05
C SER D 221 11.04 31.32 16.82
N PHE D 222 12.31 30.98 16.94
CA PHE D 222 13.25 31.01 15.82
C PHE D 222 13.32 29.70 15.07
N ALA D 223 13.06 28.58 15.74
CA ALA D 223 13.24 27.26 15.18
C ALA D 223 11.99 26.68 14.57
N PHE D 224 10.81 26.90 15.16
CA PHE D 224 9.61 26.25 14.63
C PHE D 224 9.29 26.64 13.20
N PRO D 225 9.42 27.89 12.77
CA PRO D 225 9.16 28.19 11.35
C PRO D 225 9.95 27.31 10.41
N PHE D 226 11.21 27.05 10.72
CA PHE D 226 12.05 26.20 9.88
C PHE D 226 11.64 24.74 9.97
N ILE D 227 11.18 24.30 11.14
CA ILE D 227 10.71 22.93 11.28
C ILE D 227 9.49 22.67 10.40
N ILE D 228 8.52 23.59 10.43
CA ILE D 228 7.32 23.37 9.64
C ILE D 228 7.60 23.62 8.15
N GLY D 229 8.55 24.50 7.83
CA GLY D 229 8.98 24.61 6.44
C GLY D 229 9.63 23.34 5.94
N HIS D 230 10.42 22.69 6.79
CA HIS D 230 11.00 21.39 6.43
C HIS D 230 9.92 20.35 6.22
N ILE D 231 8.90 20.34 7.07
CA ILE D 231 7.79 19.41 6.87
C ILE D 231 7.10 19.67 5.53
N ALA D 232 6.91 20.94 5.18
CA ALA D 232 6.29 21.26 3.90
C ALA D 232 7.13 20.78 2.73
N ILE D 233 8.45 20.99 2.78
CA ILE D 233 9.29 20.56 1.68
C ILE D 233 9.34 19.04 1.60
N LEU D 234 9.35 18.37 2.74
CA LEU D 234 9.32 16.92 2.75
C LEU D 234 8.03 16.38 2.13
N THR D 235 6.90 17.00 2.44
CA THR D 235 5.64 16.57 1.85
C THR D 235 5.63 16.80 0.34
N PHE D 236 6.18 17.92 -0.11
CA PHE D 236 6.27 18.15 -1.55
C PHE D 236 7.14 17.10 -2.22
N VAL D 237 8.27 16.75 -1.61
CA VAL D 237 9.16 15.76 -2.20
C VAL D 237 8.51 14.38 -2.23
N ILE D 238 7.84 13.99 -1.15
CA ILE D 238 7.19 12.68 -1.11
C ILE D 238 6.04 12.62 -2.10
N LYS D 239 5.24 13.69 -2.18
CA LYS D 239 4.03 13.66 -3.01
C LYS D 239 4.35 13.47 -4.48
N TYR D 240 5.38 14.14 -4.99
CA TYR D 240 5.69 14.16 -6.41
C TYR D 240 6.84 13.22 -6.78
N LYS D 241 7.28 12.36 -5.87
CA LYS D 241 8.37 11.42 -6.15
C LYS D 241 9.63 12.14 -6.62
N LYS D 242 9.97 13.24 -5.94
CA LYS D 242 11.13 14.03 -6.29
C LYS D 242 12.42 13.37 -5.79
N SER D 243 13.53 13.75 -6.41
CA SER D 243 14.85 13.28 -5.99
C SER D 243 15.89 14.12 -6.70
N GLY D 244 17.13 13.98 -6.28
CA GLY D 244 18.24 14.67 -6.90
C GLY D 244 19.02 15.50 -5.90
N HIS D 245 19.98 16.25 -6.41
CA HIS D 245 20.78 17.13 -5.57
C HIS D 245 20.05 18.41 -5.20
N SER D 246 19.17 18.90 -6.07
CA SER D 246 18.40 20.09 -5.73
C SER D 246 17.52 19.86 -4.51
N MET D 247 16.89 18.68 -4.44
CA MET D 247 16.05 18.38 -3.28
C MET D 247 16.90 18.24 -2.02
N ILE D 248 18.12 17.73 -2.16
CA ILE D 248 19.01 17.65 -1.01
C ILE D 248 19.36 19.04 -0.49
N LEU D 249 19.66 19.97 -1.41
CA LEU D 249 19.92 21.34 -0.97
C LEU D 249 18.69 21.96 -0.32
N LEU D 250 17.51 21.72 -0.88
CA LEU D 250 16.29 22.29 -0.32
C LEU D 250 16.02 21.76 1.08
N LEU D 251 16.20 20.46 1.30
CA LEU D 251 15.92 19.91 2.60
C LEU D 251 16.98 20.33 3.61
N THR D 252 18.24 20.40 3.19
CA THR D 252 19.30 20.79 4.11
C THR D 252 19.16 22.25 4.55
N SER D 253 18.78 23.13 3.63
CA SER D 253 18.70 24.55 3.97
C SER D 253 17.67 24.83 5.07
N MET D 254 16.73 23.92 5.29
CA MET D 254 15.77 24.04 6.40
C MET D 254 16.12 23.15 7.59
N ALA D 255 16.84 22.04 7.36
CA ALA D 255 17.21 21.20 8.48
C ALA D 255 18.37 21.77 9.29
N VAL D 256 19.22 22.58 8.67
CA VAL D 256 20.39 23.10 9.38
C VAL D 256 19.98 24.20 10.35
N PRO D 257 19.33 25.28 9.89
CA PRO D 257 18.95 26.35 10.83
C PRO D 257 18.03 25.89 11.95
N ALA D 258 17.13 24.94 11.70
CA ALA D 258 16.28 24.47 12.78
C ALA D 258 17.08 23.72 13.84
N LEU D 259 18.24 23.17 13.46
CA LEU D 259 19.07 22.41 14.39
C LEU D 259 20.02 23.32 15.16
N LEU D 260 20.55 24.34 14.48
CA LEU D 260 21.39 25.32 15.16
C LEU D 260 20.61 26.11 16.20
N PHE D 261 19.30 26.17 16.07
CA PHE D 261 18.43 26.98 16.91
C PHE D 261 17.66 25.97 17.74
N TRP D 262 17.26 26.25 18.92
CA TRP D 262 16.51 25.20 19.65
C TRP D 262 17.11 23.82 19.55
N GLN D 263 17.94 23.46 20.47
CA GLN D 263 18.35 22.07 20.57
C GLN D 263 17.21 21.06 20.43
N PHE D 264 16.05 21.12 21.15
CA PHE D 264 14.88 20.19 21.01
C PHE D 264 14.37 20.06 19.60
N THR D 265 14.91 20.82 18.69
CA THR D 265 14.65 20.50 17.30
C THR D 265 14.97 19.05 17.00
N GLN D 266 16.08 18.55 17.53
CA GLN D 266 16.48 17.18 17.25
C GLN D 266 15.35 16.21 17.49
N PHE D 267 14.72 16.19 18.67
CA PHE D 267 13.60 15.26 19.01
C PHE D 267 12.39 15.48 18.14
N ALA D 268 12.20 16.63 17.53
CA ALA D 268 11.21 16.77 16.48
C ALA D 268 11.62 15.97 15.25
N PHE D 269 12.86 16.19 14.78
CA PHE D 269 13.34 15.47 13.60
C PHE D 269 13.46 13.98 13.85
N PHE D 270 13.33 13.45 15.05
CA PHE D 270 13.34 12.00 15.33
C PHE D 270 11.96 11.47 15.12
N THR D 271 10.91 12.18 15.51
CA THR D 271 9.51 11.74 15.35
C THR D 271 9.13 11.94 13.87
N GLN D 272 9.88 12.71 13.10
CA GLN D 272 9.71 12.75 11.66
C GLN D 272 10.24 11.48 11.02
N ILE D 273 11.41 11.01 11.45
CA ILE D 273 11.98 9.80 10.89
C ILE D 273 11.09 8.60 11.18
N CYS D 274 10.61 8.50 12.41
CA CYS D 274 9.68 7.42 12.74
C CYS D 274 8.43 7.48 11.88
N SER D 275 8.12 8.63 11.30
CA SER D 275 6.98 8.73 10.40
C SER D 275 7.34 8.36 8.97
N ILE D 276 8.58 8.62 8.55
CA ILE D 276 8.99 8.23 7.20
C ILE D 276 9.17 6.72 7.13
N PHE D 277 9.79 6.14 8.15
CA PHE D 277 9.93 4.69 8.18
C PHE D 277 8.57 4.03 7.99
N LEU D 278 7.58 4.42 8.79
CA LEU D 278 6.28 3.79 8.72
C LEU D 278 5.59 4.01 7.38
N ALA D 279 6.04 4.98 6.59
CA ALA D 279 5.53 5.08 5.23
C ALA D 279 6.35 4.21 4.28
N PHE D 280 7.67 4.25 4.41
CA PHE D 280 8.51 3.43 3.56
C PHE D 280 8.20 1.95 3.71
N SER D 281 7.93 1.51 4.94
CA SER D 281 7.61 0.11 5.19
C SER D 281 6.27 -0.30 4.61
N LEU D 282 5.42 0.63 4.21
CA LEU D 282 4.15 0.30 3.55
C LEU D 282 4.23 0.47 2.04
N ASP D 283 5.43 0.66 1.51
CA ASP D 283 5.66 0.75 0.07
C ASP D 283 5.02 1.99 -0.53
N LEU D 284 4.92 3.07 0.26
CA LEU D 284 4.34 4.32 -0.20
C LEU D 284 5.39 5.34 -0.64
N ILE D 285 6.67 5.03 -0.49
CA ILE D 285 7.74 5.94 -0.91
C ILE D 285 8.73 5.19 -1.79
N PRO D 286 9.06 5.71 -2.96
CA PRO D 286 10.01 5.01 -3.84
C PRO D 286 11.37 4.83 -3.16
N PHE D 287 12.27 4.18 -3.88
CA PHE D 287 13.62 3.98 -3.36
C PHE D 287 14.44 5.26 -3.46
N SER D 288 14.46 5.87 -4.64
CA SER D 288 15.32 7.04 -4.86
C SER D 288 14.88 8.22 -4.01
N THR D 289 13.57 8.42 -3.83
CA THR D 289 13.11 9.49 -2.97
C THR D 289 13.55 9.29 -1.54
N ALA D 290 13.41 8.06 -1.03
CA ALA D 290 13.84 7.80 0.34
C ALA D 290 15.34 8.02 0.49
N LYS D 291 16.12 7.63 -0.52
CA LYS D 291 17.55 7.87 -0.45
C LYS D 291 17.86 9.36 -0.41
N THR D 292 17.17 10.16 -1.21
CA THR D 292 17.35 11.60 -1.14
C THR D 292 17.05 12.13 0.25
N VAL D 293 15.94 11.69 0.84
CA VAL D 293 15.55 12.19 2.15
C VAL D 293 16.62 11.87 3.19
N ILE D 294 17.09 10.62 3.22
CA ILE D 294 18.01 10.23 4.28
C ILE D 294 19.38 10.87 4.06
N HIS D 295 19.80 11.04 2.81
CA HIS D 295 21.05 11.74 2.57
C HIS D 295 20.97 13.19 3.04
N SER D 296 19.83 13.85 2.82
CA SER D 296 19.70 15.22 3.30
C SER D 296 19.78 15.25 4.83
N HIS D 297 19.14 14.30 5.50
CA HIS D 297 19.26 14.25 6.96
C HIS D 297 20.71 14.04 7.41
N ILE D 298 21.42 13.13 6.77
CA ILE D 298 22.81 12.88 7.17
C ILE D 298 23.65 14.14 7.01
N ILE D 299 23.52 14.80 5.87
CA ILE D 299 24.35 15.99 5.60
C ILE D 299 23.98 17.12 6.57
N SER D 300 22.69 17.31 6.82
CA SER D 300 22.28 18.36 7.74
C SER D 300 22.80 18.10 9.14
N PHE D 301 22.74 16.84 9.60
CA PHE D 301 23.30 16.54 10.91
C PHE D 301 24.79 16.78 10.95
N LEU D 302 25.53 16.40 9.91
CA LEU D 302 26.97 16.62 9.93
C LEU D 302 27.29 18.10 10.03
N ILE D 303 26.59 18.94 9.26
CA ILE D 303 26.84 20.37 9.32
C ILE D 303 26.45 20.95 10.67
N GLY D 304 25.29 20.54 11.20
CA GLY D 304 24.86 21.04 12.49
C GLY D 304 25.77 20.63 13.63
N PHE D 305 26.32 19.42 13.57
CA PHE D 305 27.28 18.96 14.56
C PHE D 305 28.60 19.71 14.43
N LEU D 306 29.01 20.02 13.21
CA LEU D 306 30.24 20.78 13.03
C LEU D 306 30.10 22.21 13.53
N LEU D 307 29.00 22.88 13.18
CA LEU D 307 28.84 24.28 13.56
C LEU D 307 28.62 24.47 15.04
N LEU D 308 28.14 23.45 15.74
CA LEU D 308 27.94 23.52 17.18
C LEU D 308 29.16 23.04 17.96
N PHE D 309 30.36 23.17 17.39
CA PHE D 309 31.61 22.91 18.10
C PHE D 309 31.68 21.48 18.64
N GLY D 310 31.26 20.53 17.82
CA GLY D 310 31.38 19.14 18.20
C GLY D 310 30.67 18.79 19.49
N ASN D 311 29.47 19.31 19.68
CA ASN D 311 28.72 19.05 20.91
C ASN D 311 28.52 17.54 21.08
N GLU D 312 28.85 17.04 22.27
CA GLU D 312 28.68 15.62 22.55
C GLU D 312 27.24 15.24 22.83
N MET D 313 26.38 16.22 23.15
CA MET D 313 24.96 15.93 23.33
C MET D 313 24.26 15.68 22.01
N MET D 314 24.82 16.16 20.89
CA MET D 314 24.31 15.79 19.58
C MET D 314 24.29 14.29 19.40
N ILE D 315 25.42 13.64 19.64
CA ILE D 315 25.46 12.19 19.67
C ILE D 315 24.92 11.70 21.01
N THR D 316 24.43 10.46 21.01
CA THR D 316 23.79 9.84 22.15
C THR D 316 22.34 10.32 22.29
N ALA D 317 21.87 11.17 21.38
CA ALA D 317 20.45 11.47 21.29
C ALA D 317 19.79 10.41 20.41
N LEU D 318 18.50 10.57 20.13
CA LEU D 318 17.78 9.63 19.30
C LEU D 318 17.75 10.02 17.84
N TYR D 319 18.40 11.12 17.47
CA TYR D 319 18.37 11.62 16.10
C TYR D 319 19.49 11.07 15.25
N PHE D 320 20.65 10.76 15.83
CA PHE D 320 21.75 10.16 15.10
C PHE D 320 21.51 8.67 14.89
N PRO D 321 21.23 7.93 15.96
CA PRO D 321 20.86 6.52 15.79
C PRO D 321 19.69 6.33 14.85
N SER D 322 18.71 7.23 14.88
CA SER D 322 17.58 7.11 13.96
C SER D 322 18.01 7.26 12.52
N ILE D 323 18.89 8.22 12.24
CA ILE D 323 19.39 8.38 10.88
C ILE D 323 20.08 7.11 10.43
N LEU D 324 20.94 6.55 11.28
CA LEU D 324 21.68 5.36 10.86
C LEU D 324 20.76 4.15 10.68
N ALA D 325 19.80 3.96 11.58
CA ALA D 325 18.88 2.84 11.45
C ALA D 325 18.02 2.94 10.20
N LEU D 326 17.50 4.15 9.91
CA LEU D 326 16.69 4.31 8.71
C LEU D 326 17.53 4.15 7.45
N GLY D 327 18.76 4.67 7.46
CA GLY D 327 19.61 4.45 6.30
C GLY D 327 19.87 2.98 6.04
N MET D 328 20.12 2.22 7.10
CA MET D 328 20.34 0.79 6.95
C MET D 328 19.09 0.09 6.43
N ILE D 329 17.91 0.43 6.95
CA ILE D 329 16.69 -0.20 6.45
C ILE D 329 16.42 0.18 5.01
N ILE D 330 16.77 1.39 4.59
CA ILE D 330 16.56 1.77 3.20
C ILE D 330 17.50 1.00 2.29
N TYR D 331 18.73 0.77 2.72
CA TYR D 331 19.69 0.13 1.83
C TYR D 331 19.60 -1.40 1.82
N ILE D 332 18.94 -2.02 2.78
CA ILE D 332 18.68 -3.46 2.74
C ILE D 332 17.27 -3.75 2.27
N SER D 333 16.65 -2.81 1.57
CA SER D 333 15.29 -2.92 1.08
C SER D 333 15.25 -3.76 -0.20
N PRO D 334 16.13 -3.50 -1.16
CA PRO D 334 16.11 -4.29 -2.39
C PRO D 334 16.40 -5.77 -2.17
N LEU D 335 17.06 -6.14 -1.08
CA LEU D 335 17.29 -7.55 -0.79
C LEU D 335 16.04 -8.26 -0.30
N LEU D 336 14.97 -7.53 -0.01
CA LEU D 336 13.73 -8.10 0.50
C LEU D 336 12.58 -7.94 -0.48
N SER D 337 12.88 -7.96 -1.78
CA SER D 337 11.85 -7.80 -2.80
C SER D 337 10.91 -9.00 -2.81
N ASN D 338 11.43 -10.21 -2.61
CA ASN D 338 10.64 -11.42 -2.73
C ASN D 338 9.68 -11.61 -1.57
N LEU D 339 9.77 -10.82 -0.51
CA LEU D 339 8.84 -10.95 0.60
C LEU D 339 7.44 -10.56 0.14
N LYS D 340 6.46 -11.41 0.40
CA LYS D 340 5.10 -11.16 -0.01
C LYS D 340 4.15 -10.96 1.14
N PHE D 341 4.41 -11.53 2.30
CA PHE D 341 3.51 -11.41 3.44
C PHE D 341 3.85 -10.12 4.18
N ARG D 342 2.95 -9.14 4.10
CA ARG D 342 3.21 -7.80 4.59
C ARG D 342 3.45 -7.76 6.09
N PRO D 343 2.66 -8.41 6.94
CA PRO D 343 2.92 -8.34 8.38
C PRO D 343 4.33 -8.76 8.75
N ALA D 344 4.86 -9.82 8.15
CA ALA D 344 6.22 -10.24 8.44
C ALA D 344 7.22 -9.17 8.03
N TYR D 345 7.04 -8.57 6.85
CA TYR D 345 7.97 -7.54 6.39
C TYR D 345 7.97 -6.35 7.32
N VAL D 346 6.78 -5.88 7.69
CA VAL D 346 6.69 -4.71 8.57
C VAL D 346 7.28 -5.02 9.94
N LEU D 347 6.98 -6.19 10.49
CA LEU D 347 7.51 -6.55 11.79
C LEU D 347 9.03 -6.69 11.76
N PHE D 348 9.58 -7.30 10.71
CA PHE D 348 11.03 -7.42 10.59
C PHE D 348 11.69 -6.05 10.50
N LEU D 349 11.15 -5.16 9.68
CA LEU D 349 11.75 -3.83 9.56
C LEU D 349 11.64 -3.07 10.88
N ALA D 350 10.50 -3.18 11.56
CA ALA D 350 10.35 -2.49 12.84
C ALA D 350 11.33 -3.01 13.87
N ILE D 351 11.53 -4.32 13.92
CA ILE D 351 12.50 -4.89 14.85
C ILE D 351 13.89 -4.39 14.55
N ILE D 352 14.26 -4.36 13.27
CA ILE D 352 15.59 -3.88 12.90
C ILE D 352 15.76 -2.42 13.30
N PHE D 353 14.77 -1.59 12.99
CA PHE D 353 14.84 -0.16 13.31
C PHE D 353 14.99 0.06 14.81
N ALA D 354 14.09 -0.54 15.60
CA ALA D 354 14.13 -0.33 17.04
C ALA D 354 15.42 -0.89 17.65
N SER D 355 15.84 -2.07 17.23
CA SER D 355 17.06 -2.65 17.79
C SER D 355 18.28 -1.80 17.48
N ILE D 356 18.41 -1.33 16.23
CA ILE D 356 19.57 -0.52 15.88
C ILE D 356 19.53 0.79 16.65
N THR D 357 18.37 1.44 16.76
CA THR D 357 18.30 2.70 17.47
C THR D 357 18.67 2.54 18.94
N LEU D 358 18.08 1.54 19.61
CA LEU D 358 18.37 1.31 21.02
C LEU D 358 19.81 0.88 21.25
N GLY D 359 20.35 0.03 20.37
CA GLY D 359 21.72 -0.43 20.54
C GLY D 359 22.74 0.68 20.31
N LEU D 360 22.53 1.50 19.28
CA LEU D 360 23.46 2.60 19.06
C LEU D 360 23.37 3.64 20.15
N LYS D 361 22.16 3.96 20.61
CA LYS D 361 22.03 4.95 21.67
C LYS D 361 22.72 4.49 22.95
N ILE D 362 22.54 3.22 23.31
CA ILE D 362 23.16 2.69 24.51
C ILE D 362 24.61 2.31 24.30
N GLY D 363 25.06 2.21 23.06
CA GLY D 363 26.45 1.94 22.78
C GLY D 363 27.34 3.16 22.80
N LEU D 364 26.76 4.34 22.98
CA LEU D 364 27.48 5.59 23.13
C LEU D 364 27.22 6.26 24.46
N SER D 365 25.96 6.31 24.90
CA SER D 365 25.65 6.85 26.21
C SER D 365 26.34 6.06 27.31
N LYS D 366 26.04 4.78 27.41
CA LYS D 366 26.67 3.88 28.36
C LYS D 366 27.99 3.30 27.85
N GLY D 367 28.37 3.60 26.61
CA GLY D 367 29.52 2.98 26.00
C GLY D 367 30.75 3.85 26.01
N LEU D 368 30.99 4.57 24.92
CA LEU D 368 32.17 5.41 24.78
C LEU D 368 32.29 6.42 25.93
N GLY D 369 31.27 6.53 26.76
CA GLY D 369 31.35 7.37 27.94
C GLY D 369 30.95 8.81 27.69
N ILE D 370 29.76 9.00 27.13
CA ILE D 370 29.24 10.34 26.87
C ILE D 370 28.19 10.75 27.88
N GLU D 371 27.53 9.81 28.54
CA GLU D 371 26.60 10.07 29.64
C GLU D 371 25.64 11.21 29.31
N ASP D 372 24.80 10.96 28.32
CA ASP D 372 23.76 11.91 27.96
C ASP D 372 22.87 12.20 29.16
N ASP D 373 22.51 13.46 29.34
CA ASP D 373 21.67 13.86 30.47
C ASP D 373 20.35 13.10 30.44
N ALA D 374 19.93 12.62 31.60
CA ALA D 374 18.73 11.79 31.70
C ALA D 374 17.56 12.52 32.33
N HIS D 375 17.55 13.86 32.21
CA HIS D 375 16.47 14.70 32.79
C HIS D 375 15.14 14.49 32.06
N ILE D 376 15.15 14.41 30.73
CA ILE D 376 13.90 14.20 29.93
C ILE D 376 13.28 12.86 30.32
N PHE D 377 14.10 11.84 30.61
CA PHE D 377 13.49 10.63 31.12
C PHE D 377 13.15 10.72 32.60
N ASP D 378 13.78 11.65 33.33
CA ASP D 378 13.54 11.77 34.76
C ASP D 378 12.21 12.44 35.09
N ILE D 379 11.75 13.35 34.23
CA ILE D 379 10.47 14.08 34.44
C ILE D 379 9.32 13.31 33.81
N LEU D 380 9.59 12.30 32.98
CA LEU D 380 8.52 11.45 32.40
C LEU D 380 8.27 10.32 33.37
N ARG D 381 9.31 9.81 33.97
CA ARG D 381 9.11 8.76 34.96
C ARG D 381 8.48 9.28 36.24
N SER D 382 8.43 10.59 36.45
CA SER D 382 7.75 11.16 37.61
C SER D 382 6.26 11.38 37.37
N LYS D 383 5.86 11.57 36.12
CA LYS D 383 4.45 11.80 35.81
C LYS D 383 3.60 10.60 36.20
N PHE D 384 4.06 9.40 35.88
CA PHE D 384 3.31 8.19 36.16
C PHE D 384 3.72 7.52 37.46
N THR D 385 4.97 7.69 37.90
CA THR D 385 5.50 7.08 39.10
C THR D 385 5.52 8.12 40.23
N SER D 386 5.87 7.65 41.42
CA SER D 386 6.01 8.51 42.59
C SER D 386 7.41 9.11 42.71
N PHE D 387 8.32 8.74 41.82
CA PHE D 387 9.69 9.23 41.86
C PHE D 387 9.72 10.75 41.78
N ALA D 388 10.16 11.40 42.86
CA ALA D 388 10.05 12.86 42.92
C ALA D 388 11.34 13.57 42.52
N ASN D 389 12.38 13.48 43.34
CA ASN D 389 13.64 14.19 43.04
C ASN D 389 13.42 15.70 43.08
N PHE D 390 14.48 16.46 43.42
CA PHE D 390 14.35 17.92 43.44
C PHE D 390 14.13 18.47 42.04
N HIS D 391 14.91 17.99 41.07
CA HIS D 391 14.82 18.54 39.69
C HIS D 391 13.41 18.31 39.09
N THR D 392 12.76 17.17 39.33
CA THR D 392 11.46 16.93 38.71
C THR D 392 10.41 17.86 39.30
N ARG D 393 10.37 18.01 40.62
CA ARG D 393 9.45 18.98 41.21
C ARG D 393 9.75 20.39 40.76
N LEU D 394 11.02 20.72 40.54
CA LEU D 394 11.36 22.05 40.06
C LEU D 394 10.78 22.25 38.66
N TYR D 395 10.68 21.20 37.86
CA TYR D 395 10.18 21.30 36.47
C TYR D 395 8.70 20.93 36.40
N THR D 396 8.22 19.94 37.15
CA THR D 396 6.83 19.50 37.01
C THR D 396 5.86 20.54 37.54
N CYS D 397 6.16 21.13 38.70
CA CYS D 397 5.23 22.10 39.28
C CYS D 397 5.18 23.42 38.51
N SER D 398 5.77 23.49 37.33
CA SER D 398 5.86 24.74 36.59
C SER D 398 4.56 25.10 35.88
N ALA D 399 3.61 24.16 35.82
CA ALA D 399 2.35 24.40 35.15
C ALA D 399 2.52 24.43 33.63
N GLU D 400 3.75 24.24 33.18
CA GLU D 400 4.07 24.20 31.75
C GLU D 400 4.64 22.87 31.31
N PHE D 401 4.90 21.95 32.23
CA PHE D 401 5.39 20.59 31.92
C PHE D 401 4.38 19.64 32.53
N ASP D 402 3.18 20.10 32.80
CA ASP D 402 2.08 19.24 33.23
C ASP D 402 1.25 18.79 32.03
N PHE D 403 0.41 17.80 32.27
CA PHE D 403 -0.48 17.29 31.24
C PHE D 403 -1.28 18.43 30.65
N ILE D 404 -1.82 18.23 29.44
CA ILE D 404 -2.63 19.26 28.82
C ILE D 404 -3.93 19.40 29.59
N GLN D 405 -4.28 20.64 29.94
CA GLN D 405 -5.48 20.87 30.73
C GLN D 405 -6.74 20.65 29.91
N TYR D 406 -7.80 20.18 30.57
CA TYR D 406 -9.06 19.98 29.89
C TYR D 406 -9.60 21.28 29.31
N SER D 407 -9.18 22.43 29.83
CA SER D 407 -9.60 23.69 29.25
C SER D 407 -9.12 23.81 27.81
N THR D 408 -7.89 23.38 27.54
CA THR D 408 -7.38 23.42 26.17
C THR D 408 -8.20 22.53 25.24
N ILE D 409 -8.54 21.33 25.69
CA ILE D 409 -9.32 20.43 24.84
C ILE D 409 -10.69 21.00 24.58
N GLU D 410 -11.33 21.57 25.61
CA GLU D 410 -12.65 22.17 25.42
C GLU D 410 -12.58 23.36 24.48
N LYS D 411 -11.54 24.17 24.59
CA LYS D 411 -11.38 25.31 23.70
C LYS D 411 -11.17 24.88 22.26
N LEU D 412 -10.37 23.83 22.04
CA LEU D 412 -10.12 23.35 20.69
C LEU D 412 -11.36 22.70 20.09
N CYS D 413 -12.16 22.01 20.91
CA CYS D 413 -13.43 21.46 20.44
C CYS D 413 -14.48 22.53 20.22
N GLY D 414 -14.36 23.69 20.89
CA GLY D 414 -15.35 24.74 20.72
C GLY D 414 -15.34 25.35 19.34
N THR D 415 -14.15 25.56 18.77
CA THR D 415 -14.03 26.12 17.44
C THR D 415 -14.16 25.07 16.35
N LEU D 416 -14.40 23.82 16.71
CA LEU D 416 -14.58 22.72 15.76
C LEU D 416 -13.31 22.43 14.99
N LEU D 417 -12.16 22.48 15.65
CA LEU D 417 -10.92 22.05 15.05
C LEU D 417 -10.63 20.57 15.30
N ILE D 418 -11.07 20.03 16.43
CA ILE D 418 -10.86 18.63 16.74
C ILE D 418 -11.93 17.75 16.09
N PRO D 419 -13.22 18.11 16.15
CA PRO D 419 -14.20 17.31 15.39
C PRO D 419 -13.91 17.23 13.91
N LEU D 420 -13.48 18.33 13.30
CA LEU D 420 -13.17 18.33 11.87
C LEU D 420 -11.95 17.47 11.56
N ALA D 421 -10.90 17.60 12.36
CA ALA D 421 -9.71 16.77 12.17
C ALA D 421 -10.04 15.30 12.38
N LEU D 422 -10.89 15.01 13.35
CA LEU D 422 -11.27 13.63 13.63
C LEU D 422 -12.07 13.03 12.48
N ILE D 423 -12.98 13.81 11.90
CA ILE D 423 -13.72 13.35 10.73
C ILE D 423 -12.76 13.06 9.58
N SER D 424 -11.83 13.97 9.32
CA SER D 424 -10.88 13.76 8.23
C SER D 424 -10.03 12.53 8.45
N LEU D 425 -9.59 12.31 9.70
CA LEU D 425 -8.78 11.15 10.02
C LEU D 425 -9.56 9.85 9.79
N VAL D 426 -10.82 9.81 10.22
CA VAL D 426 -11.63 8.61 10.00
C VAL D 426 -11.82 8.36 8.51
N THR D 427 -12.08 9.41 7.74
CA THR D 427 -12.23 9.26 6.30
C THR D 427 -10.97 8.68 5.67
N PHE D 428 -9.82 9.21 6.05
CA PHE D 428 -8.57 8.72 5.47
C PHE D 428 -8.35 7.26 5.84
N VAL D 429 -8.60 6.89 7.09
CA VAL D 429 -8.37 5.51 7.50
C VAL D 429 -9.28 4.55 6.73
N PHE D 430 -10.55 4.91 6.60
CA PHE D 430 -11.47 4.05 5.85
C PHE D 430 -11.02 3.88 4.41
N ASN D 431 -10.64 4.98 3.75
CA ASN D 431 -10.18 4.89 2.38
C ASN D 431 -8.93 4.02 2.27
N PHE D 432 -7.97 4.22 3.17
CA PHE D 432 -6.72 3.47 3.13
C PHE D 432 -6.96 1.98 3.30
N VAL D 433 -7.85 1.61 4.23
CA VAL D 433 -8.14 0.20 4.44
C VAL D 433 -8.87 -0.40 3.25
N LYS D 434 -9.81 0.35 2.66
CA LYS D 434 -10.61 -0.20 1.57
C LYS D 434 -9.92 -0.15 0.22
N ASN D 435 -8.76 0.49 0.11
CA ASN D 435 -8.09 0.58 -1.19
C ASN D 435 -6.69 -0.03 -1.17
N THR D 436 -6.40 -0.91 -0.22
CA THR D 436 -5.07 -1.48 -0.08
C THR D 436 -5.19 -2.97 0.23
N ASN D 437 -4.14 -3.71 -0.13
CA ASN D 437 -4.02 -5.13 0.23
C ASN D 437 -3.21 -5.21 1.52
N LEU D 438 -3.88 -5.51 2.62
CA LEU D 438 -3.23 -5.41 3.92
C LEU D 438 -2.26 -6.54 4.17
N LEU D 439 -2.61 -7.76 3.77
CA LEU D 439 -1.83 -8.93 4.10
C LEU D 439 -0.71 -9.21 3.11
N TRP D 440 -0.88 -8.83 1.85
CA TRP D 440 0.04 -9.22 0.78
C TRP D 440 0.59 -7.98 0.10
N ARG D 441 1.90 -7.98 -0.15
CA ARG D 441 2.61 -6.82 -0.65
C ARG D 441 3.30 -7.14 -1.95
N ASN D 442 3.30 -6.18 -2.87
CA ASN D 442 4.07 -6.26 -4.09
C ASN D 442 5.13 -5.17 -4.03
N SER D 443 6.38 -5.54 -4.23
CA SER D 443 7.50 -4.63 -4.09
C SER D 443 7.76 -3.81 -5.34
N GLU D 444 7.03 -4.06 -6.41
CA GLU D 444 7.23 -3.39 -7.69
C GLU D 444 6.27 -2.22 -7.89
N GLU D 445 5.39 -1.97 -6.94
CA GLU D 445 4.37 -0.94 -7.07
C GLU D 445 4.36 -0.07 -5.82
N ILE D 446 4.14 1.23 -6.02
CA ILE D 446 4.12 2.21 -4.94
C ILE D 446 2.68 2.53 -4.59
N GLY D 447 2.38 2.52 -3.29
CA GLY D 447 1.00 2.49 -2.81
C GLY D 447 0.22 3.78 -2.96
N GLU D 448 0.87 4.90 -3.25
CA GLU D 448 0.16 6.15 -3.46
C GLU D 448 -0.43 6.71 -2.17
N ASN D 449 -0.53 8.05 -2.08
CA ASN D 449 -1.00 8.76 -0.89
C ASN D 449 -0.03 8.60 0.27
N GLY D 450 1.26 8.77 -0.02
CA GLY D 450 2.26 8.65 1.02
C GLY D 450 2.43 9.89 1.87
N GLU D 451 2.23 11.07 1.30
CA GLU D 451 2.35 12.30 2.07
C GLU D 451 1.24 12.43 3.09
N ILE D 452 0.03 11.98 2.73
CA ILE D 452 -1.08 12.03 3.68
C ILE D 452 -0.82 11.12 4.86
N LEU D 453 -0.28 9.91 4.63
CA LEU D 453 0.01 9.02 5.74
C LEU D 453 1.17 9.53 6.57
N TYR D 454 2.19 10.10 5.93
CA TYR D 454 3.25 10.77 6.67
C TYR D 454 2.70 11.81 7.62
N ASN D 455 1.82 12.68 7.13
CA ASN D 455 1.29 13.76 7.96
C ASN D 455 0.34 13.23 9.04
N VAL D 456 -0.40 12.17 8.77
CA VAL D 456 -1.28 11.61 9.80
C VAL D 456 -0.47 10.99 10.93
N VAL D 457 0.55 10.22 10.61
CA VAL D 457 1.44 9.62 11.63
C VAL D 457 2.17 10.75 12.36
N GLN D 458 2.57 11.84 11.70
CA GLN D 458 3.17 12.98 12.36
C GLN D 458 2.21 13.61 13.36
N LEU D 459 0.93 13.75 12.98
CA LEU D 459 -0.06 14.28 13.90
C LEU D 459 -0.20 13.38 15.12
N CYS D 460 0.07 12.10 15.03
CA CYS D 460 -0.23 11.19 16.16
C CYS D 460 0.93 11.16 17.15
N CYS D 461 2.14 11.51 16.70
CA CYS D 461 3.33 11.64 17.54
C CYS D 461 3.30 13.05 18.13
N SER D 462 2.76 14.04 17.43
CA SER D 462 2.64 15.36 18.03
C SER D 462 1.55 15.39 19.09
N THR D 463 0.42 14.73 18.84
CA THR D 463 -0.63 14.66 19.84
C THR D 463 -0.16 13.96 21.10
N VAL D 464 0.63 12.91 21.10
CA VAL D 464 1.01 12.20 22.37
C VAL D 464 1.95 13.10 23.17
N MET D 465 2.97 13.69 22.55
CA MET D 465 3.84 14.70 23.17
C MET D 465 2.99 15.80 23.75
N ALA D 466 2.05 16.40 23.00
CA ALA D 466 1.34 17.54 23.56
C ALA D 466 0.49 17.13 24.75
N PHE D 467 -0.16 15.97 24.69
CA PHE D 467 -0.90 15.50 25.85
C PHE D 467 0.04 15.22 27.02
N LEU D 468 1.27 14.79 26.89
CA LEU D 468 2.08 14.48 28.11
C LEU D 468 2.61 15.77 28.72
N ILE D 469 3.45 16.51 28.01
CA ILE D 469 4.01 17.81 28.46
C ILE D 469 3.28 18.92 27.75
N MET D 470 2.37 19.65 28.37
CA MET D 470 1.85 20.88 27.82
C MET D 470 3.00 21.70 27.28
N ARG D 471 2.74 22.68 26.44
CA ARG D 471 3.83 23.55 25.92
C ARG D 471 4.26 22.99 24.60
N LEU D 472 3.93 21.72 24.39
CA LEU D 472 4.36 21.07 23.14
C LEU D 472 3.13 20.98 22.26
N LYS D 473 2.09 21.80 22.53
CA LYS D 473 0.97 21.94 21.62
C LYS D 473 1.26 22.85 20.45
N LEU D 474 2.42 23.52 20.43
CA LEU D 474 2.80 24.23 19.22
C LEU D 474 2.99 23.26 18.07
N PHE D 475 3.43 22.03 18.36
CA PHE D 475 3.48 20.99 17.35
C PHE D 475 2.10 20.41 17.07
N MET D 476 1.30 20.20 18.11
CA MET D 476 0.01 19.55 17.96
C MET D 476 -0.94 20.35 17.10
N THR D 477 -1.14 21.64 17.43
CA THR D 477 -2.22 22.40 16.80
C THR D 477 -2.04 22.60 15.30
N PRO D 478 -0.88 23.04 14.80
CA PRO D 478 -0.74 23.17 13.34
C PRO D 478 -0.91 21.87 12.57
N HIS D 479 -0.56 20.71 13.13
CA HIS D 479 -0.94 19.47 12.46
C HIS D 479 -2.44 19.19 12.55
N LEU D 480 -3.10 19.60 13.61
CA LEU D 480 -4.55 19.49 13.60
C LEU D 480 -5.14 20.29 12.44
N CYS D 481 -4.59 21.48 12.20
CA CYS D 481 -5.05 22.30 11.07
C CYS D 481 -4.74 21.64 9.74
N ILE D 482 -3.53 21.12 9.57
CA ILE D 482 -3.14 20.49 8.30
C ILE D 482 -4.01 19.27 8.03
N VAL D 483 -4.33 18.50 9.06
CA VAL D 483 -5.19 17.33 8.87
C VAL D 483 -6.63 17.77 8.57
N ALA D 484 -7.10 18.83 9.23
CA ALA D 484 -8.45 19.32 8.93
C ALA D 484 -8.56 19.79 7.49
N ALA D 485 -7.45 20.25 6.90
CA ALA D 485 -7.46 20.63 5.49
C ALA D 485 -7.72 19.46 4.56
N LEU D 486 -7.66 18.24 5.07
CA LEU D 486 -7.86 17.03 4.30
C LEU D 486 -9.32 16.76 3.99
N PHE D 487 -10.23 17.55 4.55
CA PHE D 487 -11.66 17.45 4.30
C PHE D 487 -12.06 17.95 2.92
N ALA D 488 -11.16 18.63 2.21
CA ALA D 488 -11.43 19.12 0.86
C ALA D 488 -10.82 18.24 -0.22
N ASN D 489 -10.39 17.04 0.13
CA ASN D 489 -9.83 16.09 -0.83
C ASN D 489 -10.97 15.43 -1.58
N SER D 490 -11.05 15.66 -2.89
CA SER D 490 -12.11 15.04 -3.68
C SER D 490 -11.95 13.52 -3.74
N LYS D 491 -10.71 13.03 -3.77
CA LYS D 491 -10.48 11.59 -3.84
C LYS D 491 -11.08 10.88 -2.63
N LEU D 492 -10.87 11.42 -1.44
CA LEU D 492 -11.52 10.93 -0.24
C LEU D 492 -12.92 11.52 -0.15
N LEU D 493 -13.72 10.96 0.75
CA LEU D 493 -15.05 11.51 1.06
C LEU D 493 -15.86 11.74 -0.21
N GLY D 494 -15.79 10.78 -1.12
CA GLY D 494 -16.55 10.87 -2.36
C GLY D 494 -15.72 10.55 -3.59
N GLY D 495 -15.76 11.43 -4.58
CA GLY D 495 -15.06 11.21 -5.83
C GLY D 495 -15.69 12.03 -6.94
N ASP D 496 -15.90 11.43 -8.09
CA ASP D 496 -16.59 12.10 -9.18
C ASP D 496 -18.11 12.05 -9.04
N ARG D 497 -18.63 11.28 -8.08
CA ARG D 497 -20.06 11.20 -7.89
C ARG D 497 -20.64 12.41 -7.17
N ILE D 498 -19.83 13.08 -6.34
CA ILE D 498 -20.33 14.21 -5.56
C ILE D 498 -20.74 15.36 -6.48
N SER D 499 -20.01 15.55 -7.57
CA SER D 499 -20.28 16.65 -8.50
C SER D 499 -19.65 17.94 -7.97
N LYS D 500 -19.20 18.80 -8.89
CA LYS D 500 -18.49 20.01 -8.47
C LYS D 500 -19.39 20.94 -7.67
N THR D 501 -20.63 21.12 -8.10
CA THR D 501 -21.51 22.07 -7.43
C THR D 501 -21.79 21.66 -5.98
N ILE D 502 -22.00 20.36 -5.74
CA ILE D 502 -22.29 19.92 -4.39
C ILE D 502 -21.06 20.01 -3.51
N ARG D 503 -19.88 19.66 -4.04
CA ARG D 503 -18.66 19.75 -3.24
C ARG D 503 -18.37 21.19 -2.83
N VAL D 504 -18.49 22.13 -3.78
CA VAL D 504 -18.22 23.52 -3.45
C VAL D 504 -19.26 24.07 -2.49
N SER D 505 -20.52 23.65 -2.63
CA SER D 505 -21.58 24.14 -1.77
C SER D 505 -21.40 23.70 -0.32
N ALA D 506 -20.82 22.53 -0.08
CA ALA D 506 -20.57 22.08 1.28
C ALA D 506 -19.21 22.52 1.81
N LEU D 507 -18.36 23.10 0.96
CA LEU D 507 -17.08 23.63 1.37
C LEU D 507 -17.13 25.12 1.69
N VAL D 508 -18.21 25.81 1.33
CA VAL D 508 -18.43 27.15 1.83
C VAL D 508 -19.34 27.13 3.06
N GLY D 509 -20.16 26.09 3.22
CA GLY D 509 -20.91 25.95 4.45
C GLY D 509 -20.01 25.72 5.65
N VAL D 510 -19.00 24.87 5.48
CA VAL D 510 -18.03 24.63 6.55
C VAL D 510 -17.27 25.91 6.86
N ILE D 511 -16.86 26.64 5.83
CA ILE D 511 -16.13 27.88 6.05
C ILE D 511 -17.01 28.91 6.74
N ALA D 512 -18.30 28.93 6.42
CA ALA D 512 -19.20 29.87 7.08
C ALA D 512 -19.44 29.50 8.53
N ILE D 513 -19.44 28.20 8.85
CA ILE D 513 -19.57 27.78 10.25
C ILE D 513 -18.28 27.88 11.02
N LEU D 514 -17.13 27.94 10.34
CA LEU D 514 -15.87 28.23 11.01
C LEU D 514 -15.76 29.70 11.39
N PHE D 515 -16.23 30.60 10.52
CA PHE D 515 -16.27 32.02 10.85
C PHE D 515 -17.24 32.29 11.99
N TYR D 516 -18.34 31.55 12.07
CA TYR D 516 -19.34 31.80 13.10
C TYR D 516 -18.77 31.56 14.50
N ARG D 517 -17.96 30.51 14.67
CA ARG D 517 -17.40 30.16 15.96
C ARG D 517 -15.96 30.61 16.12
N GLY D 518 -15.38 31.26 15.12
CA GLY D 518 -14.00 31.68 15.18
C GLY D 518 -13.81 33.18 15.30
N ILE D 519 -14.82 33.95 14.91
CA ILE D 519 -14.75 35.40 15.09
C ILE D 519 -14.67 35.78 16.56
N PRO D 520 -15.48 35.25 17.45
CA PRO D 520 -15.33 35.60 18.88
C PRO D 520 -13.96 35.30 19.43
N ASN D 521 -13.30 34.24 18.97
CA ASN D 521 -11.95 33.96 19.46
C ASN D 521 -11.01 35.09 19.13
N ILE D 522 -11.08 35.60 17.90
CA ILE D 522 -10.21 36.71 17.51
C ILE D 522 -10.58 37.96 18.28
N ARG D 523 -11.87 38.16 18.57
CA ARG D 523 -12.26 39.31 19.37
C ARG D 523 -11.66 39.24 20.77
N GLN D 524 -11.86 38.13 21.47
CA GLN D 524 -11.27 38.01 22.80
C GLN D 524 -9.75 38.00 22.77
N GLN D 525 -9.14 37.67 21.65
CA GLN D 525 -7.68 37.73 21.60
C GLN D 525 -7.16 39.13 21.32
N LEU D 526 -7.93 39.95 20.63
CA LEU D 526 -7.52 41.32 20.37
C LEU D 526 -7.96 42.29 21.45
N ASN D 527 -8.86 41.89 22.35
CA ASN D 527 -9.30 42.76 23.44
C ASN D 527 -8.65 42.39 24.77
N VAL D 528 -7.34 42.17 24.79
CA VAL D 528 -6.61 41.91 26.02
C VAL D 528 -5.41 42.83 26.05
N LYS D 529 -5.17 43.46 27.20
CA LYS D 529 -4.02 44.33 27.38
C LYS D 529 -3.32 43.98 28.68
N GLY D 530 -2.00 44.13 28.68
CA GLY D 530 -1.18 43.72 29.80
C GLY D 530 -0.98 44.83 30.82
N GLU D 531 -0.28 44.46 31.90
CA GLU D 531 -0.05 45.37 33.00
C GLU D 531 1.17 46.25 32.75
N TYR D 532 1.30 47.30 33.56
CA TYR D 532 2.38 48.27 33.44
C TYR D 532 3.49 47.97 34.43
N SER D 533 4.08 46.78 34.29
CA SER D 533 5.23 46.38 35.08
C SER D 533 5.01 46.59 36.58
N ASN D 534 6.10 46.72 37.33
CA ASN D 534 6.10 46.92 38.76
C ASN D 534 7.34 47.73 39.10
N PRO D 535 7.24 48.73 39.98
CA PRO D 535 8.40 49.56 40.31
C PRO D 535 9.41 48.90 41.23
N ASP D 536 9.06 47.79 41.89
CA ASP D 536 9.97 47.17 42.83
C ASP D 536 11.27 46.74 42.17
N GLN D 537 11.17 46.10 41.01
CA GLN D 537 12.37 45.58 40.35
C GLN D 537 13.27 46.72 39.90
N GLU D 538 12.70 47.81 39.41
CA GLU D 538 13.52 48.94 38.98
C GLU D 538 14.26 49.56 40.16
N MET D 539 13.58 49.70 41.30
CA MET D 539 14.26 50.24 42.47
C MET D 539 15.36 49.31 42.95
N LEU D 540 15.12 48.00 42.94
CA LEU D 540 16.17 47.06 43.31
C LEU D 540 17.36 47.17 42.39
N PHE D 541 17.12 47.31 41.09
CA PHE D 541 18.24 47.41 40.16
C PHE D 541 18.96 48.75 40.32
N ASP D 542 18.24 49.80 40.69
CA ASP D 542 18.90 51.06 40.99
C ASP D 542 19.82 50.93 42.20
N TRP D 543 19.36 50.26 43.25
CA TRP D 543 20.24 50.03 44.39
C TRP D 543 21.44 49.18 44.01
N ILE D 544 21.22 48.14 43.20
CA ILE D 544 22.33 47.30 42.77
C ILE D 544 23.36 48.13 42.01
N GLN D 545 22.90 49.00 41.12
CA GLN D 545 23.82 49.79 40.31
C GLN D 545 24.57 50.82 41.14
N HIS D 546 23.91 51.44 42.11
CA HIS D 546 24.56 52.50 42.86
C HIS D 546 25.44 51.99 43.98
N ASN D 547 24.97 51.01 44.75
CA ASN D 547 25.60 50.60 45.99
C ASN D 547 26.38 49.29 45.88
N THR D 548 26.73 48.86 44.68
CA THR D 548 27.45 47.61 44.48
C THR D 548 28.57 47.81 43.48
N LYS D 549 29.71 47.18 43.73
CA LYS D 549 30.87 47.33 42.87
C LYS D 549 30.70 46.49 41.60
N GLN D 550 31.30 46.97 40.51
CA GLN D 550 31.02 46.42 39.19
C GLN D 550 31.41 44.95 39.05
N ASP D 551 32.28 44.44 39.93
CA ASP D 551 32.72 43.06 39.84
C ASP D 551 32.11 42.20 40.95
N ALA D 552 30.98 42.62 41.52
CA ALA D 552 30.32 41.80 42.51
C ALA D 552 29.66 40.60 41.86
N VAL D 553 29.50 39.53 42.62
CA VAL D 553 28.96 38.27 42.14
C VAL D 553 27.66 37.99 42.86
N PHE D 554 26.60 37.77 42.09
CA PHE D 554 25.25 37.64 42.63
C PHE D 554 24.75 36.21 42.50
N ALA D 555 24.05 35.74 43.52
CA ALA D 555 23.32 34.48 43.47
C ALA D 555 21.92 34.71 44.00
N GLY D 556 20.97 33.93 43.49
CA GLY D 556 19.59 34.07 43.90
C GLY D 556 18.71 33.14 43.09
N THR D 557 17.41 33.36 43.19
CA THR D 557 16.47 32.53 42.47
C THR D 557 16.63 32.74 40.97
N MET D 558 16.43 31.66 40.21
CA MET D 558 16.76 31.69 38.79
C MET D 558 16.04 32.77 38.00
N PRO D 559 14.74 33.02 38.20
CA PRO D 559 14.09 34.08 37.41
C PRO D 559 14.75 35.44 37.51
N VAL D 560 15.24 35.82 38.70
CA VAL D 560 15.83 37.14 38.89
C VAL D 560 17.26 37.24 38.39
N MET D 561 18.00 36.13 38.33
CA MET D 561 19.41 36.19 37.95
C MET D 561 19.58 36.65 36.51
N ALA D 562 18.72 36.24 35.61
CA ALA D 562 18.90 36.59 34.18
C ALA D 562 18.54 38.04 33.98
N ASN D 563 17.64 38.58 34.80
CA ASN D 563 17.35 40.01 34.75
C ASN D 563 18.47 40.84 35.37
N VAL D 564 19.08 40.34 36.44
CA VAL D 564 20.22 41.05 37.02
C VAL D 564 21.39 41.06 36.04
N LYS D 565 21.58 39.99 35.28
CA LYS D 565 22.68 39.97 34.32
C LYS D 565 22.39 40.84 33.09
N LEU D 566 21.15 40.82 32.60
CA LEU D 566 20.81 41.60 31.42
C LEU D 566 20.98 43.09 31.64
N THR D 567 20.47 43.59 32.76
CA THR D 567 20.71 44.96 33.18
C THR D 567 21.42 44.92 34.52
N THR D 568 22.40 45.80 34.69
CA THR D 568 23.37 45.84 35.79
C THR D 568 24.65 45.08 35.48
N LEU D 569 24.70 44.28 34.42
CA LEU D 569 25.93 43.62 33.97
C LEU D 569 26.77 43.08 35.13
N ARG D 570 26.15 42.22 35.93
CA ARG D 570 26.92 41.68 37.03
C ARG D 570 27.20 40.21 36.82
N PRO D 571 28.40 39.73 37.17
CA PRO D 571 28.62 38.28 37.15
C PRO D 571 27.70 37.55 38.11
N ILE D 572 27.24 36.37 37.70
CA ILE D 572 26.25 35.60 38.44
C ILE D 572 26.75 34.17 38.57
N VAL D 573 26.05 33.39 39.40
CA VAL D 573 26.43 32.00 39.64
C VAL D 573 25.35 31.00 39.25
N ASN D 574 24.14 31.44 38.90
CA ASN D 574 23.14 30.51 38.41
C ASN D 574 22.15 31.24 37.52
N HIS D 575 21.69 30.57 36.48
CA HIS D 575 20.76 31.11 35.51
C HIS D 575 19.67 30.10 35.26
N PRO D 576 18.56 30.61 34.67
CA PRO D 576 17.39 29.78 34.38
C PRO D 576 17.58 28.62 33.39
N HIS D 577 18.59 28.66 32.54
CA HIS D 577 18.88 27.57 31.58
C HIS D 577 19.87 26.69 32.30
N TYR D 578 19.43 25.94 33.32
CA TYR D 578 20.39 25.20 34.20
C TYR D 578 20.64 23.74 33.84
N GLU D 579 19.97 23.11 32.87
CA GLU D 579 20.11 21.64 32.67
C GLU D 579 21.54 21.17 32.42
N HIS D 580 22.39 21.93 31.71
CA HIS D 580 23.74 21.44 31.32
C HIS D 580 24.61 21.15 32.56
N VAL D 581 25.46 20.11 32.50
CA VAL D 581 26.32 19.68 33.65
C VAL D 581 27.14 20.82 34.26
N GLY D 582 27.55 20.67 35.52
CA GLY D 582 28.27 21.70 36.23
C GLY D 582 27.43 22.85 36.72
N ILE D 583 26.22 23.01 36.19
CA ILE D 583 25.29 24.07 36.74
C ILE D 583 24.04 23.40 37.31
N ARG D 584 23.82 22.12 37.04
CA ARG D 584 22.67 21.44 37.68
C ARG D 584 22.99 21.22 39.15
N GLU D 585 24.27 21.31 39.54
CA GLU D 585 24.63 21.18 40.94
C GLU D 585 24.74 22.49 41.70
N ARG D 586 24.94 23.60 40.99
CA ARG D 586 24.93 24.90 41.67
C ARG D 586 23.52 25.29 42.11
N THR D 587 22.49 24.83 41.41
CA THR D 587 21.14 25.23 41.77
C THR D 587 20.71 24.64 43.11
N LEU D 588 21.10 23.40 43.40
CA LEU D 588 20.82 22.85 44.71
C LEU D 588 21.57 23.60 45.82
N LYS D 589 22.82 23.97 45.57
CA LYS D 589 23.53 24.77 46.56
C LYS D 589 22.86 26.12 46.78
N VAL D 590 22.44 26.76 45.68
CA VAL D 590 21.83 28.07 45.79
C VAL D 590 20.51 27.99 46.54
N TYR D 591 19.68 27.00 46.23
CA TYR D 591 18.38 26.87 46.86
C TYR D 591 18.46 26.24 48.23
N SER D 592 19.65 25.80 48.66
CA SER D 592 19.78 25.33 50.03
C SER D 592 19.44 26.41 51.04
N MET D 593 19.50 27.69 50.63
CA MET D 593 19.16 28.78 51.55
C MET D 593 17.73 28.68 52.05
N PHE D 594 16.85 28.07 51.26
CA PHE D 594 15.45 27.90 51.64
C PHE D 594 15.20 26.60 52.39
N SER D 595 16.24 25.84 52.71
CA SER D 595 16.11 24.56 53.38
C SER D 595 16.18 24.75 54.89
N LYS D 596 16.34 23.64 55.62
CA LYS D 596 16.47 23.65 57.06
C LYS D 596 17.91 23.43 57.53
N LYS D 597 18.88 23.72 56.67
CA LYS D 597 20.27 23.59 57.06
C LYS D 597 20.63 24.65 58.10
N PRO D 598 21.67 24.41 58.90
CA PRO D 598 22.15 25.45 59.80
C PRO D 598 22.73 26.62 59.02
N ILE D 599 22.76 27.78 59.67
CA ILE D 599 23.30 28.97 59.02
C ILE D 599 24.75 28.75 58.60
N ALA D 600 25.52 28.04 59.43
CA ALA D 600 26.93 27.82 59.10
C ALA D 600 27.08 27.06 57.80
N GLU D 601 26.26 26.02 57.59
CA GLU D 601 26.35 25.22 56.37
C GLU D 601 26.10 26.07 55.13
N VAL D 602 25.02 26.87 55.16
CA VAL D 602 24.68 27.68 53.99
C VAL D 602 25.73 28.75 53.76
N HIS D 603 26.24 29.35 54.84
CA HIS D 603 27.26 30.37 54.66
C HIS D 603 28.53 29.79 54.04
N LYS D 604 28.94 28.61 54.50
CA LYS D 604 30.11 27.97 53.91
C LYS D 604 29.87 27.65 52.44
N ILE D 605 28.69 27.14 52.11
CA ILE D 605 28.37 26.86 50.70
C ILE D 605 28.50 28.12 49.86
N MET D 606 27.87 29.21 50.33
CA MET D 606 27.85 30.43 49.54
C MET D 606 29.24 31.02 49.40
N LYS D 607 30.02 31.02 50.48
CA LYS D 607 31.39 31.52 50.39
C LYS D 607 32.23 30.68 49.42
N GLU D 608 32.07 29.35 49.48
CA GLU D 608 32.82 28.49 48.57
C GLU D 608 32.48 28.80 47.12
N MET D 609 31.20 28.99 46.81
CA MET D 609 30.86 29.38 45.44
C MET D 609 31.40 30.75 45.07
N GLY D 610 31.79 31.55 46.05
CA GLY D 610 32.43 32.83 45.76
C GLY D 610 31.50 33.98 45.52
N VAL D 611 30.27 33.93 46.02
CA VAL D 611 29.29 34.97 45.79
C VAL D 611 29.44 36.02 46.88
N ASN D 612 28.91 37.22 46.60
CA ASN D 612 28.86 38.30 47.57
C ASN D 612 27.45 38.59 48.06
N TYR D 613 26.46 38.60 47.17
CA TYR D 613 25.09 38.96 47.52
C TYR D 613 24.14 37.86 47.10
N PHE D 614 23.03 37.75 47.83
CA PHE D 614 21.95 36.81 47.53
C PHE D 614 20.65 37.59 47.50
N VAL D 615 20.02 37.68 46.33
CA VAL D 615 18.79 38.43 46.15
C VAL D 615 17.64 37.46 45.96
N PHE D 616 16.55 37.65 46.72
CA PHE D 616 15.39 36.79 46.58
C PHE D 616 14.15 37.59 46.94
N GLN D 617 13.00 36.92 46.90
CA GLN D 617 11.71 37.56 47.14
C GLN D 617 11.06 36.95 48.37
N LEU D 618 10.27 37.77 49.07
CA LEU D 618 9.67 37.30 50.30
C LEU D 618 8.63 36.21 50.06
N MET D 619 8.01 36.20 48.87
CA MET D 619 7.02 35.16 48.60
C MET D 619 7.64 33.83 48.20
N ASN D 620 8.95 33.81 47.91
CA ASN D 620 9.63 32.53 47.71
C ASN D 620 9.60 31.69 48.97
N CYS D 621 9.67 32.34 50.13
CA CYS D 621 9.60 31.65 51.41
C CYS D 621 8.18 31.48 51.92
N SER D 622 7.18 31.94 51.17
CA SER D 622 5.78 31.80 51.57
C SER D 622 5.33 30.38 51.25
N ASN D 623 5.06 29.59 52.29
CA ASN D 623 4.66 28.21 52.11
C ASN D 623 3.35 28.12 51.32
N GLU D 625 0.33 28.44 51.00
CA GLU D 625 0.34 26.98 50.92
C GLU D 625 0.41 26.51 49.47
N ARG D 626 -0.45 27.06 48.62
CA ARG D 626 -0.51 26.70 47.21
C ARG D 626 -0.81 25.20 47.16
N ARG D 627 -0.13 24.42 46.31
CA ARG D 627 -0.25 22.98 46.35
C ARG D 627 0.97 22.42 47.07
N PRO D 628 0.81 21.71 48.19
CA PRO D 628 1.99 21.20 48.89
C PRO D 628 2.88 20.39 47.96
N GLU D 629 4.12 20.11 48.39
CA GLU D 629 5.11 19.41 47.59
C GLU D 629 5.35 20.09 46.25
N CYS D 630 4.93 21.35 46.12
CA CYS D 630 5.34 22.21 45.01
C CYS D 630 5.88 23.55 45.53
N VAL D 631 6.24 23.61 46.81
CA VAL D 631 6.89 24.77 47.40
C VAL D 631 8.25 24.33 47.93
N TYR D 632 9.16 25.31 48.06
CA TYR D 632 10.53 24.99 48.44
C TYR D 632 10.57 24.29 49.79
N ARG D 633 9.67 24.64 50.71
CA ARG D 633 9.68 24.00 52.02
C ARG D 633 9.36 22.51 51.91
N GLY D 634 8.36 22.16 51.09
CA GLY D 634 8.04 20.76 50.91
C GLY D 634 9.13 20.00 50.18
N MET D 635 9.72 20.61 49.16
CA MET D 635 10.77 19.93 48.40
C MET D 635 11.96 19.59 49.28
N TRP D 636 12.35 20.51 50.16
CA TRP D 636 13.49 20.31 51.04
C TRP D 636 13.17 19.47 52.25
N ASP D 637 12.04 18.77 52.22
CA ASP D 637 11.74 17.75 53.21
C ASP D 637 11.72 16.35 52.62
N GLU D 638 11.68 16.21 51.30
CA GLU D 638 11.70 14.90 50.66
C GLU D 638 13.11 14.41 50.36
N GLU D 639 14.07 15.31 50.18
CA GLU D 639 15.45 14.91 49.94
C GLU D 639 16.40 15.41 51.02
N ASP D 640 15.88 15.71 52.20
CA ASP D 640 16.74 16.10 53.31
C ASP D 640 16.14 15.60 54.61
N PRO D 641 15.75 14.32 54.69
CA PRO D 641 15.08 13.83 55.90
C PRO D 641 15.94 13.93 57.15
N LYS D 642 17.25 13.95 57.02
CA LYS D 642 18.11 14.10 58.20
C LYS D 642 17.85 15.43 58.88
N ASN D 643 17.64 16.49 58.11
CA ASN D 643 17.43 17.82 58.65
C ASN D 643 15.98 18.07 59.04
N SER D 644 15.09 17.11 58.86
CA SER D 644 13.70 17.29 59.24
C SER D 644 13.61 17.57 60.74
N GLY D 645 12.64 18.41 61.12
CA GLY D 645 12.48 18.80 62.49
C GLY D 645 13.28 20.02 62.90
N ARG D 646 14.09 20.56 62.00
CA ARG D 646 14.88 21.76 62.29
C ARG D 646 14.11 23.01 61.85
N THR D 647 14.40 24.12 62.52
CA THR D 647 13.73 25.37 62.19
C THR D 647 14.05 25.77 60.75
N ALA D 648 13.01 26.01 59.96
CA ALA D 648 13.22 26.35 58.56
C ALA D 648 13.99 27.66 58.45
N LEU D 649 14.94 27.69 57.51
CA LEU D 649 15.74 28.89 57.32
C LEU D 649 14.88 30.08 56.95
N CYS D 650 13.75 29.85 56.27
CA CYS D 650 12.94 30.96 55.80
C CYS D 650 12.39 31.78 56.96
N ASP D 651 12.03 31.12 58.07
CA ASP D 651 11.54 31.86 59.23
C ASP D 651 12.60 32.83 59.74
N LEU D 652 13.86 32.40 59.75
CA LEU D 652 14.93 33.32 60.14
C LEU D 652 14.98 34.52 59.20
N TRP D 653 14.85 34.30 57.90
CA TRP D 653 14.87 35.42 56.96
C TRP D 653 13.73 36.39 57.25
N ILE D 654 12.52 35.87 57.48
CA ILE D 654 11.38 36.76 57.65
C ILE D 654 11.50 37.54 58.96
N LEU D 655 11.92 36.88 60.04
CA LEU D 655 12.11 37.61 61.30
C LEU D 655 13.22 38.64 61.20
N ALA D 656 14.31 38.32 60.50
CA ALA D 656 15.37 39.30 60.32
C ALA D 656 14.87 40.49 59.52
N ALA D 657 14.06 40.24 58.49
CA ALA D 657 13.50 41.35 57.70
C ALA D 657 12.56 42.21 58.54
N ASN D 658 11.72 41.57 59.36
CA ASN D 658 10.76 42.33 60.16
C ASN D 658 11.46 43.17 61.22
N SER D 659 12.34 42.54 62.01
CA SER D 659 12.94 43.21 63.15
C SER D 659 14.07 44.14 62.77
N LYS D 660 14.56 44.07 61.53
CA LYS D 660 15.64 44.96 61.06
C LYS D 660 16.89 44.83 61.92
N ASP D 661 17.22 43.62 62.36
CA ASP D 661 18.45 43.37 63.10
C ASP D 661 19.10 42.08 62.61
N ASN D 662 20.41 42.13 62.43
CA ASN D 662 21.19 40.93 62.09
C ASN D 662 21.70 40.25 63.36
N SER D 663 20.76 39.82 64.19
CA SER D 663 21.10 39.18 65.45
C SER D 663 21.15 37.65 65.31
N ARG D 664 20.04 37.03 64.91
CA ARG D 664 20.01 35.57 64.84
C ARG D 664 20.82 35.05 63.66
N ILE D 665 20.71 35.69 62.50
CA ILE D 665 21.49 35.28 61.33
C ILE D 665 22.90 35.80 61.55
N ALA D 666 23.81 34.91 61.95
CA ALA D 666 25.12 35.34 62.43
C ALA D 666 25.92 36.05 61.35
N PRO D 667 26.37 35.39 60.28
CA PRO D 667 27.25 36.04 59.30
C PRO D 667 26.52 36.71 58.14
N PHE D 668 25.19 36.72 58.15
CA PHE D 668 24.41 37.29 57.05
C PHE D 668 23.88 38.66 57.44
N LYS D 669 23.85 39.57 56.49
CA LYS D 669 23.31 40.90 56.67
C LYS D 669 22.19 41.14 55.69
N ILE D 670 21.13 41.81 56.15
CA ILE D 670 20.02 42.21 55.28
C ILE D 670 20.42 43.58 54.70
N VAL D 671 21.22 43.55 53.64
CA VAL D 671 21.73 44.79 53.08
C VAL D 671 20.62 45.60 52.42
N TYR D 672 19.64 44.94 51.79
CA TYR D 672 18.58 45.66 51.10
C TYR D 672 17.23 45.09 51.48
N ASN D 673 16.30 45.97 51.84
CA ASN D 673 14.93 45.57 52.18
C ASN D 673 14.03 46.77 51.95
N ALA D 674 13.35 46.81 50.81
CA ALA D 674 12.40 47.87 50.49
C ALA D 674 11.02 47.27 50.32
N ASN D 675 10.01 47.90 50.92
CA ASN D 675 8.60 47.54 50.87
C ASN D 675 8.39 46.03 50.93
N ARG D 676 9.28 45.34 51.67
CA ARG D 676 9.08 43.94 52.05
C ARG D 676 8.72 43.06 50.85
N ASN D 677 9.35 43.29 49.71
CA ASN D 677 9.19 42.40 48.57
C ASN D 677 10.51 41.74 48.17
N TYR D 678 11.51 42.51 47.79
CA TYR D 678 12.81 41.98 47.42
C TYR D 678 13.76 42.16 48.59
N ILE D 679 14.45 41.10 48.96
CA ILE D 679 15.41 41.12 50.06
C ILE D 679 16.77 40.74 49.49
N VAL D 680 17.78 41.54 49.83
CA VAL D 680 19.14 41.29 49.39
C VAL D 680 20.01 41.09 50.63
N LEU D 681 20.53 39.88 50.79
CA LEU D 681 21.48 39.51 51.83
C LEU D 681 22.90 39.70 51.33
N LYS D 682 23.79 40.07 52.23
CA LYS D 682 25.20 40.22 51.91
C LYS D 682 26.00 39.12 52.58
N ILE D 683 26.86 38.47 51.81
CA ILE D 683 27.77 37.46 52.33
C ILE D 683 28.99 38.19 52.91
N LEU D 684 29.28 37.95 54.18
CA LEU D 684 30.38 38.64 54.84
C LEU D 684 31.71 38.40 54.11
#